data_7YP6
#
_entry.id   7YP6
#
_cell.length_a   66.796
_cell.length_b   131.856
_cell.length_c   225.173
_cell.angle_alpha   90.000
_cell.angle_beta   90.000
_cell.angle_gamma   90.000
#
_symmetry.space_group_name_H-M   'P 21 2 2'
#
loop_
_entity.id
_entity.type
_entity.pdbx_description
1 polymer Glycosyltransferase
2 non-polymer "URIDINE-5'-DIPHOSPHATE"
3 non-polymer R-1,2-PROPANEDIOL
4 water water
#
_entity_poly.entity_id   1
_entity_poly.type   'polypeptide(L)'
_entity_poly.pdbx_seq_one_letter_code
;MGSSHHHHHHSSGLVPRGSHMRILFATVSEKSHLFTMVPLAWSLAAAGHEVHVASNPALTASIKSTGLTAVPVGKDHNLH
EMLTENRDSLENPLSDWSTPELDRHSWEQVLMKFKVSVMFAYQTYNDCMVHELVDYARHWQPDLVIWDPVTYAGPVAARV
VGAAHARLLWCIDIYAKMREVFLARLAEQPEERREDPMADWLGGILGRYGHTFDEEVVVGQWTIDQIPTSLQLPLSLRRV
PVRYLPHNGPSEIPDWLREAPGRPRVVLTSGVSARAALGGTFMPVADMINTLGSMDIDVVAALPPEEVEALEKVPANTRI
VDFVPLHALLPGASVLIHHGGFGSWGTALVNGVPQFIPTIRYADWWNKGTSLHEAGAGLVVHASELTAEVLRESVERLVE
DASYREAAERLREENQRTPTPHDVVPVIEELTAEHGR
;
_entity_poly.pdbx_strand_id   A,B,C
#
# COMPACT_ATOMS: atom_id res chain seq x y z
N SER A 19 29.05 -5.45 -9.29
CA SER A 19 28.42 -4.24 -8.70
C SER A 19 26.95 -4.19 -9.07
N HIS A 20 26.54 -4.60 -10.29
CA HIS A 20 25.20 -4.43 -10.83
C HIS A 20 24.15 -5.24 -10.07
N MET A 21 23.09 -4.60 -9.57
CA MET A 21 22.20 -5.21 -8.59
C MET A 21 20.80 -5.29 -9.18
N ARG A 22 20.04 -6.29 -8.70
CA ARG A 22 18.60 -6.29 -8.81
C ARG A 22 18.05 -5.82 -7.47
N ILE A 23 17.22 -4.77 -7.53
CA ILE A 23 16.68 -4.13 -6.34
C ILE A 23 15.16 -4.19 -6.43
N LEU A 24 14.56 -4.76 -5.40
CA LEU A 24 13.11 -4.88 -5.32
C LEU A 24 12.61 -3.89 -4.28
N PHE A 25 11.78 -2.93 -4.73
CA PHE A 25 11.04 -2.05 -3.84
C PHE A 25 9.72 -2.73 -3.52
N ALA A 26 9.32 -2.63 -2.25
CA ALA A 26 8.03 -3.17 -1.80
C ALA A 26 7.28 -2.14 -0.98
N THR A 27 6.01 -1.94 -1.34
CA THR A 27 5.14 -1.03 -0.61
C THR A 27 3.72 -1.61 -0.57
N VAL A 28 3.06 -1.31 0.55
CA VAL A 28 1.62 -1.45 0.66
C VAL A 28 0.97 -0.59 -0.41
N SER A 29 -0.29 -0.93 -0.73
CA SER A 29 -0.96 -0.32 -1.88
C SER A 29 -1.54 1.04 -1.51
N GLU A 30 -0.67 1.98 -1.14
CA GLU A 30 -1.01 3.39 -0.97
C GLU A 30 -0.18 4.21 -1.96
N LYS A 31 -0.83 4.96 -2.85
CA LYS A 31 -0.05 5.83 -3.74
C LYS A 31 0.80 6.82 -2.95
N SER A 32 0.27 7.32 -1.83
CA SER A 32 0.96 8.31 -1.02
C SER A 32 2.29 7.75 -0.49
N HIS A 33 2.29 6.46 -0.10
CA HIS A 33 3.51 5.80 0.34
C HIS A 33 4.46 5.56 -0.84
N LEU A 34 3.93 5.02 -1.95
CA LEU A 34 4.72 4.77 -3.15
C LEU A 34 5.49 6.02 -3.58
N PHE A 35 4.83 7.18 -3.63
CA PHE A 35 5.43 8.39 -4.14
C PHE A 35 6.65 8.82 -3.34
N THR A 36 6.70 8.46 -2.05
CA THR A 36 7.84 8.82 -1.21
C THR A 36 9.09 8.04 -1.61
N MET A 37 8.92 6.93 -2.34
CA MET A 37 10.00 6.00 -2.64
C MET A 37 10.61 6.27 -4.02
N VAL A 38 9.93 7.10 -4.83
CA VAL A 38 10.24 7.18 -6.25
C VAL A 38 11.64 7.77 -6.50
N PRO A 39 12.04 8.90 -5.86
CA PRO A 39 13.36 9.45 -6.11
C PRO A 39 14.51 8.49 -5.78
N LEU A 40 14.38 7.73 -4.69
CA LEU A 40 15.45 6.81 -4.35
C LEU A 40 15.51 5.66 -5.36
N ALA A 41 14.34 5.13 -5.74
CA ALA A 41 14.26 4.09 -6.74
C ALA A 41 14.94 4.56 -8.03
N TRP A 42 14.62 5.77 -8.49
CA TRP A 42 15.22 6.30 -9.70
C TRP A 42 16.72 6.58 -9.55
N SER A 43 17.16 6.96 -8.33
CA SER A 43 18.59 7.20 -8.11
C SER A 43 19.37 5.90 -8.38
N LEU A 44 18.79 4.77 -7.97
CA LEU A 44 19.45 3.48 -8.07
C LEU A 44 19.41 2.99 -9.52
N ALA A 45 18.27 3.21 -10.19
CA ALA A 45 18.13 2.87 -11.59
C ALA A 45 19.13 3.69 -12.43
N ALA A 46 19.33 4.96 -12.07
CA ALA A 46 20.20 5.86 -12.80
C ALA A 46 21.67 5.45 -12.65
N ALA A 47 21.98 4.69 -11.60
CA ALA A 47 23.33 4.17 -11.38
C ALA A 47 23.50 2.80 -12.05
N GLY A 48 22.51 2.36 -12.82
CA GLY A 48 22.64 1.16 -13.63
C GLY A 48 22.00 -0.08 -13.03
N HIS A 49 21.42 0.01 -11.83
CA HIS A 49 20.77 -1.15 -11.22
C HIS A 49 19.38 -1.36 -11.82
N GLU A 50 18.92 -2.61 -11.78
CA GLU A 50 17.55 -2.94 -12.17
C GLU A 50 16.63 -2.76 -10.96
N VAL A 51 15.58 -1.94 -11.11
CA VAL A 51 14.69 -1.63 -10.00
C VAL A 51 13.27 -2.03 -10.40
N HIS A 52 12.68 -2.91 -9.61
CA HIS A 52 11.29 -3.31 -9.76
C HIS A 52 10.52 -2.94 -8.49
N VAL A 53 9.27 -2.50 -8.68
CA VAL A 53 8.45 -2.07 -7.57
C VAL A 53 7.25 -3.02 -7.48
N ALA A 54 7.16 -3.70 -6.33
CA ALA A 54 6.07 -4.64 -6.09
C ALA A 54 5.04 -4.07 -5.11
N SER A 55 3.77 -4.27 -5.48
CA SER A 55 2.64 -4.03 -4.60
C SER A 55 1.44 -4.83 -5.13
N ASN A 56 0.30 -4.73 -4.42
CA ASN A 56 -0.97 -5.31 -4.83
C ASN A 56 -1.39 -4.75 -6.18
N PRO A 57 -2.23 -5.49 -6.96
CA PRO A 57 -2.66 -5.04 -8.29
C PRO A 57 -3.28 -3.65 -8.35
N ALA A 58 -3.96 -3.21 -7.28
CA ALA A 58 -4.59 -1.90 -7.28
C ALA A 58 -3.56 -0.79 -7.49
N LEU A 59 -2.28 -1.00 -7.16
CA LEU A 59 -1.27 0.05 -7.26
C LEU A 59 -0.52 0.03 -8.60
N THR A 60 -0.76 -0.98 -9.44
CA THR A 60 0.01 -1.17 -10.66
C THR A 60 -0.03 0.08 -11.53
N ALA A 61 -1.22 0.66 -11.76
CA ALA A 61 -1.32 1.82 -12.64
C ALA A 61 -0.49 2.98 -12.08
N SER A 62 -0.54 3.19 -10.75
CA SER A 62 0.22 4.25 -10.13
C SER A 62 1.73 4.02 -10.29
N ILE A 63 2.19 2.79 -10.11
CA ILE A 63 3.61 2.50 -10.25
C ILE A 63 4.06 2.84 -11.67
N LYS A 64 3.24 2.44 -12.66
CA LYS A 64 3.61 2.57 -14.06
C LYS A 64 3.77 4.02 -14.46
N SER A 65 3.03 4.94 -13.84
CA SER A 65 3.14 6.36 -14.14
C SER A 65 4.30 7.04 -13.41
N THR A 66 5.10 6.29 -12.63
CA THR A 66 6.32 6.80 -12.01
C THR A 66 7.53 6.61 -12.92
N GLY A 67 7.36 5.86 -14.01
CA GLY A 67 8.46 5.48 -14.87
C GLY A 67 9.09 4.15 -14.46
N LEU A 68 8.75 3.65 -13.26
CA LEU A 68 9.35 2.44 -12.73
C LEU A 68 8.56 1.20 -13.13
N THR A 69 9.26 0.08 -13.19
CA THR A 69 8.65 -1.19 -13.58
C THR A 69 7.82 -1.77 -12.45
N ALA A 70 6.54 -2.04 -12.71
CA ALA A 70 5.61 -2.56 -11.70
C ALA A 70 5.59 -4.10 -11.73
N VAL A 71 5.53 -4.70 -10.54
CA VAL A 71 5.33 -6.12 -10.38
C VAL A 71 4.08 -6.34 -9.51
N PRO A 72 2.91 -6.61 -10.11
CA PRO A 72 1.71 -6.88 -9.31
C PRO A 72 1.86 -8.19 -8.55
N VAL A 73 1.58 -8.19 -7.24
CA VAL A 73 1.69 -9.39 -6.44
C VAL A 73 0.42 -9.54 -5.60
N GLY A 74 -0.08 -10.78 -5.55
CA GLY A 74 -1.15 -11.14 -4.63
C GLY A 74 -2.48 -10.52 -5.04
N LYS A 75 -3.32 -10.28 -4.04
CA LYS A 75 -4.67 -9.79 -4.29
C LYS A 75 -4.88 -8.52 -3.47
N ASP A 76 -5.96 -7.80 -3.81
CA ASP A 76 -6.28 -6.55 -3.13
C ASP A 76 -6.99 -6.87 -1.81
N HIS A 77 -6.92 -5.93 -0.87
CA HIS A 77 -7.32 -6.12 0.52
C HIS A 77 -8.50 -5.18 0.79
N ASN A 78 -9.09 -5.26 2.00
CA ASN A 78 -10.27 -4.50 2.37
C ASN A 78 -9.96 -3.46 3.45
N LEU A 79 -8.66 -3.11 3.59
CA LEU A 79 -8.31 -2.10 4.59
C LEU A 79 -9.06 -0.80 4.33
N HIS A 80 -9.26 -0.38 3.07
CA HIS A 80 -9.85 0.91 2.77
C HIS A 80 -11.33 0.97 3.18
N GLU A 81 -12.06 -0.13 2.97
CA GLU A 81 -13.45 -0.25 3.42
C GLU A 81 -13.50 -0.22 4.96
N MET A 82 -12.61 -0.97 5.62
CA MET A 82 -12.55 -0.96 7.08
C MET A 82 -12.10 0.46 7.51
N ASP A 88 -16.38 8.11 14.31
CA ASP A 88 -16.30 7.88 12.84
C ASP A 88 -14.85 7.90 12.38
N SER A 89 -13.93 8.38 13.22
CA SER A 89 -12.52 8.51 12.87
C SER A 89 -11.64 7.43 13.52
N LEU A 90 -10.41 7.31 13.04
CA LEU A 90 -9.54 6.18 13.31
C LEU A 90 -8.68 6.39 14.56
N GLU A 91 -8.96 7.44 15.33
CA GLU A 91 -8.22 7.78 16.53
C GLU A 91 -8.88 7.10 17.73
N ASN A 92 -8.19 6.11 18.32
CA ASN A 92 -8.50 5.70 19.70
C ASN A 92 -7.21 5.42 20.45
N PRO A 93 -7.20 5.30 21.79
CA PRO A 93 -5.95 5.18 22.53
C PRO A 93 -5.01 4.07 22.09
N LEU A 94 -5.54 2.95 21.59
CA LEU A 94 -4.75 1.78 21.21
C LEU A 94 -4.08 1.95 19.83
N SER A 95 -4.57 2.89 19.04
CA SER A 95 -3.99 3.19 17.74
C SER A 95 -3.10 4.42 17.83
N ASP A 96 -2.93 4.97 19.04
CA ASP A 96 -2.20 6.22 19.21
C ASP A 96 -0.75 5.88 19.52
N TRP A 97 0.13 5.95 18.51
CA TRP A 97 1.55 5.73 18.70
C TRP A 97 2.31 7.05 18.64
N SER A 98 1.63 8.17 18.90
CA SER A 98 2.21 9.50 18.78
C SER A 98 3.19 9.82 19.91
N THR A 99 3.09 9.14 21.07
CA THR A 99 4.01 9.36 22.19
C THR A 99 4.59 8.03 22.64
N PRO A 100 5.46 7.40 21.82
CA PRO A 100 6.06 6.11 22.16
C PRO A 100 7.16 6.24 23.21
N GLU A 101 6.76 6.36 24.48
CA GLU A 101 7.66 6.60 25.60
C GLU A 101 7.43 5.55 26.69
N LEU A 102 8.53 5.05 27.28
CA LEU A 102 8.50 4.07 28.36
C LEU A 102 7.53 4.52 29.47
N ASP A 103 7.67 5.78 29.88
CA ASP A 103 6.89 6.37 30.96
C ASP A 103 5.39 6.32 30.66
N ARG A 104 4.96 6.11 29.41
CA ARG A 104 3.54 6.12 29.11
C ARG A 104 3.04 4.74 28.74
N HIS A 105 3.89 3.72 28.86
CA HIS A 105 3.57 2.36 28.43
C HIS A 105 4.00 1.36 29.48
N SER A 106 3.02 0.75 30.15
CA SER A 106 3.23 -0.51 30.83
C SER A 106 3.49 -1.59 29.79
N TRP A 107 3.95 -2.74 30.22
CA TRP A 107 4.05 -3.91 29.36
C TRP A 107 2.74 -4.17 28.62
N GLU A 108 1.63 -4.15 29.36
CA GLU A 108 0.37 -4.58 28.82
C GLU A 108 -0.14 -3.58 27.77
N GLN A 109 0.19 -2.30 27.98
CA GLN A 109 -0.23 -1.25 27.06
C GLN A 109 0.51 -1.38 25.74
N VAL A 110 1.84 -1.56 25.79
CA VAL A 110 2.63 -1.64 24.57
C VAL A 110 2.37 -2.96 23.85
N LEU A 111 2.21 -4.06 24.62
CA LEU A 111 1.88 -5.34 24.01
C LEU A 111 0.56 -5.22 23.25
N MET A 112 -0.42 -4.58 23.88
CA MET A 112 -1.75 -4.47 23.30
C MET A 112 -1.68 -3.63 22.00
N LYS A 113 -0.83 -2.60 21.96
CA LYS A 113 -0.66 -1.78 20.77
C LYS A 113 -0.10 -2.60 19.61
N PHE A 114 0.89 -3.45 19.90
CA PHE A 114 1.44 -4.33 18.87
C PHE A 114 0.41 -5.37 18.43
N LYS A 115 -0.40 -5.91 19.36
CA LYS A 115 -1.37 -6.91 18.98
C LYS A 115 -2.39 -6.31 18.02
N VAL A 116 -2.88 -5.12 18.33
CA VAL A 116 -3.93 -4.46 17.56
C VAL A 116 -3.39 -3.98 16.20
N SER A 117 -2.17 -3.43 16.18
CA SER A 117 -1.60 -2.91 14.94
C SER A 117 -1.27 -4.06 13.98
N VAL A 118 -0.75 -5.17 14.52
CA VAL A 118 -0.50 -6.35 13.71
C VAL A 118 -1.81 -6.91 13.14
N MET A 119 -2.83 -7.08 13.99
CA MET A 119 -4.06 -7.71 13.56
C MET A 119 -4.79 -6.83 12.56
N PHE A 120 -4.90 -5.53 12.84
CA PHE A 120 -5.79 -4.68 12.08
C PHE A 120 -5.10 -4.04 10.87
N ALA A 121 -3.90 -3.49 11.04
CA ALA A 121 -3.24 -2.77 9.95
C ALA A 121 -2.26 -3.68 9.19
N TYR A 122 -1.26 -4.23 9.90
CA TYR A 122 -0.13 -4.82 9.21
C TYR A 122 -0.53 -6.08 8.44
N GLN A 123 -1.37 -6.92 9.04
CA GLN A 123 -1.78 -8.16 8.40
C GLN A 123 -2.68 -7.85 7.20
N THR A 124 -3.62 -6.91 7.36
CA THR A 124 -4.49 -6.56 6.25
C THR A 124 -3.68 -6.06 5.06
N TYR A 125 -2.69 -5.18 5.32
CA TYR A 125 -1.86 -4.60 4.29
C TYR A 125 -0.98 -5.63 3.58
N ASN A 126 -0.49 -6.61 4.34
CA ASN A 126 0.64 -7.43 3.90
C ASN A 126 0.29 -8.90 3.58
N ASP A 127 -0.67 -9.53 4.30
CA ASP A 127 -0.87 -10.97 4.16
C ASP A 127 -1.44 -11.31 2.78
N CYS A 128 -2.17 -10.35 2.18
CA CYS A 128 -2.72 -10.48 0.85
C CYS A 128 -1.65 -10.62 -0.24
N MET A 129 -0.37 -10.37 0.06
CA MET A 129 0.63 -10.39 -1.00
C MET A 129 1.94 -11.02 -0.57
N VAL A 130 2.11 -11.35 0.71
CA VAL A 130 3.41 -11.78 1.20
C VAL A 130 3.91 -13.05 0.50
N HIS A 131 3.03 -14.03 0.25
CA HIS A 131 3.49 -15.30 -0.32
C HIS A 131 3.89 -15.11 -1.79
N GLU A 132 3.12 -14.30 -2.51
CA GLU A 132 3.42 -13.97 -3.89
C GLU A 132 4.69 -13.12 -3.97
N LEU A 133 4.97 -12.30 -2.96
CA LEU A 133 6.19 -11.51 -2.94
C LEU A 133 7.39 -12.40 -2.68
N VAL A 134 7.24 -13.37 -1.77
CA VAL A 134 8.31 -14.34 -1.52
C VAL A 134 8.63 -15.11 -2.80
N ASP A 135 7.58 -15.51 -3.53
CA ASP A 135 7.68 -16.23 -4.79
C ASP A 135 8.45 -15.40 -5.80
N TYR A 136 8.05 -14.14 -5.97
CA TYR A 136 8.72 -13.28 -6.94
C TYR A 136 10.20 -13.11 -6.57
N ALA A 137 10.48 -12.92 -5.27
CA ALA A 137 11.86 -12.78 -4.82
C ALA A 137 12.67 -14.04 -5.12
N ARG A 138 12.03 -15.21 -4.99
CA ARG A 138 12.68 -16.48 -5.28
C ARG A 138 13.04 -16.57 -6.76
N HIS A 139 12.10 -16.19 -7.63
CA HIS A 139 12.34 -16.13 -9.07
C HIS A 139 13.43 -15.11 -9.43
N TRP A 140 13.33 -13.88 -8.94
CA TRP A 140 14.12 -12.77 -9.48
C TRP A 140 15.45 -12.64 -8.74
N GLN A 141 15.50 -13.10 -7.49
CA GLN A 141 16.72 -13.14 -6.70
C GLN A 141 17.30 -11.72 -6.53
N PRO A 142 16.55 -10.76 -5.96
CA PRO A 142 17.10 -9.43 -5.72
C PRO A 142 18.29 -9.51 -4.78
N ASP A 143 19.26 -8.62 -4.99
CA ASP A 143 20.36 -8.44 -4.05
C ASP A 143 19.93 -7.63 -2.85
N LEU A 144 18.91 -6.78 -3.06
CA LEU A 144 18.48 -5.79 -2.08
C LEU A 144 16.98 -5.61 -2.19
N VAL A 145 16.34 -5.51 -1.03
CA VAL A 145 14.92 -5.14 -0.95
C VAL A 145 14.82 -3.87 -0.14
N ILE A 146 14.17 -2.84 -0.73
CA ILE A 146 13.91 -1.60 0.00
C ILE A 146 12.42 -1.54 0.25
N TRP A 147 12.06 -1.42 1.54
CA TRP A 147 10.66 -1.56 1.91
C TRP A 147 10.13 -0.34 2.65
N ASP A 148 8.90 0.04 2.25
CA ASP A 148 8.10 0.98 3.03
C ASP A 148 7.99 0.47 4.46
N PRO A 149 8.01 1.36 5.47
CA PRO A 149 8.18 0.93 6.86
C PRO A 149 7.09 0.07 7.52
N VAL A 150 5.92 0.00 6.92
CA VAL A 150 4.87 -0.92 7.39
C VAL A 150 4.63 -2.05 6.39
N THR A 151 5.54 -2.22 5.43
CA THR A 151 5.42 -3.27 4.41
C THR A 151 6.31 -4.44 4.82
N TYR A 152 5.89 -5.15 5.87
CA TYR A 152 6.69 -6.21 6.46
C TYR A 152 6.77 -7.43 5.54
N ALA A 153 5.92 -7.53 4.50
CA ALA A 153 6.10 -8.54 3.47
C ALA A 153 7.50 -8.45 2.86
N GLY A 154 8.03 -7.22 2.77
CA GLY A 154 9.30 -6.93 2.14
C GLY A 154 10.47 -7.65 2.81
N PRO A 155 10.73 -7.41 4.11
CA PRO A 155 11.85 -8.07 4.77
C PRO A 155 11.72 -9.59 4.87
N VAL A 156 10.47 -10.10 4.88
CA VAL A 156 10.23 -11.53 4.85
C VAL A 156 10.78 -12.09 3.55
N ALA A 157 10.32 -11.53 2.42
CA ALA A 157 10.79 -11.93 1.10
C ALA A 157 12.32 -11.81 0.99
N ALA A 158 12.90 -10.73 1.53
CA ALA A 158 14.34 -10.55 1.48
C ALA A 158 15.03 -11.68 2.21
N ARG A 159 14.59 -11.95 3.44
CA ARG A 159 15.27 -12.89 4.31
C ARG A 159 15.21 -14.30 3.70
N VAL A 160 14.06 -14.66 3.11
CA VAL A 160 13.91 -15.95 2.47
C VAL A 160 15.00 -16.15 1.40
N VAL A 161 15.40 -15.10 0.67
CA VAL A 161 16.36 -15.27 -0.42
C VAL A 161 17.74 -14.73 -0.04
N GLY A 162 17.92 -14.33 1.23
CA GLY A 162 19.21 -13.83 1.70
C GLY A 162 19.57 -12.43 1.20
N ALA A 163 18.61 -11.68 0.65
CA ALA A 163 18.87 -10.33 0.18
C ALA A 163 19.14 -9.39 1.33
N ALA A 164 20.01 -8.37 1.13
CA ALA A 164 20.06 -7.27 2.09
C ALA A 164 18.72 -6.51 2.02
N HIS A 165 18.36 -5.80 3.07
CA HIS A 165 17.13 -5.05 3.06
C HIS A 165 17.17 -3.89 4.05
N ALA A 166 16.44 -2.81 3.69
CA ALA A 166 16.43 -1.59 4.48
C ALA A 166 15.06 -0.95 4.35
N ARG A 167 14.64 -0.31 5.46
CA ARG A 167 13.45 0.53 5.43
C ARG A 167 13.79 1.83 4.74
N LEU A 168 12.82 2.39 4.00
CA LEU A 168 12.88 3.77 3.56
C LEU A 168 11.74 4.55 4.20
N LEU A 169 12.11 5.53 5.03
CA LEU A 169 11.18 6.21 5.94
C LEU A 169 10.62 7.49 5.34
N TRP A 170 9.30 7.57 5.38
CA TRP A 170 8.54 8.82 5.20
C TRP A 170 8.13 9.38 6.55
N CYS A 171 8.45 8.66 7.63
CA CYS A 171 7.80 8.82 8.93
C CYS A 171 8.77 9.29 9.99
N ILE A 172 8.29 10.15 10.88
CA ILE A 172 8.89 10.27 12.19
C ILE A 172 8.73 8.90 12.83
N ASP A 173 9.84 8.33 13.33
CA ASP A 173 9.98 6.87 13.41
C ASP A 173 9.37 6.33 14.70
N ILE A 174 8.06 6.55 14.84
CA ILE A 174 7.29 6.07 15.97
C ILE A 174 7.27 4.54 15.97
N TYR A 175 7.45 3.92 14.80
CA TYR A 175 7.39 2.48 14.67
C TYR A 175 8.58 1.83 15.39
N ALA A 176 9.80 2.28 15.07
CA ALA A 176 10.99 1.72 15.66
C ALA A 176 11.13 2.17 17.11
N LYS A 177 10.61 3.33 17.43
CA LYS A 177 10.68 3.84 18.80
C LYS A 177 9.71 3.06 19.69
N MET A 178 8.48 2.81 19.23
CA MET A 178 7.53 2.00 19.97
C MET A 178 8.10 0.59 20.14
N ARG A 179 8.82 0.09 19.13
CA ARG A 179 9.42 -1.23 19.23
C ARG A 179 10.49 -1.25 20.33
N GLU A 180 11.27 -0.18 20.44
CA GLU A 180 12.29 -0.06 21.49
C GLU A 180 11.62 -0.12 22.87
N VAL A 181 10.51 0.62 23.05
CA VAL A 181 9.73 0.61 24.27
C VAL A 181 9.26 -0.83 24.54
N PHE A 182 8.70 -1.47 23.51
CA PHE A 182 8.23 -2.83 23.62
C PHE A 182 9.33 -3.77 24.10
N LEU A 183 10.53 -3.69 23.53
CA LEU A 183 11.61 -4.61 23.86
C LEU A 183 12.13 -4.36 25.28
N ALA A 184 12.12 -3.10 25.73
CA ALA A 184 12.53 -2.77 27.09
C ALA A 184 11.56 -3.42 28.10
N ARG A 185 10.25 -3.35 27.82
CA ARG A 185 9.24 -3.94 28.69
C ARG A 185 9.27 -5.46 28.61
N LEU A 186 9.52 -6.02 27.43
CA LEU A 186 9.62 -7.46 27.25
C LEU A 186 10.71 -8.03 28.16
N ALA A 187 11.86 -7.32 28.23
CA ALA A 187 13.01 -7.75 29.00
C ALA A 187 12.72 -7.76 30.51
N GLU A 188 11.73 -6.97 30.96
CA GLU A 188 11.33 -6.91 32.36
C GLU A 188 10.39 -8.05 32.75
N GLN A 189 9.93 -8.87 31.79
CA GLN A 189 8.91 -9.87 32.11
C GLN A 189 9.59 -11.19 32.44
N PRO A 190 8.98 -12.01 33.34
CA PRO A 190 9.41 -13.38 33.56
C PRO A 190 9.23 -14.17 32.26
N GLU A 191 10.04 -15.23 32.12
CA GLU A 191 10.27 -15.85 30.82
C GLU A 191 8.94 -16.41 30.30
N GLU A 192 8.06 -16.82 31.22
CA GLU A 192 6.83 -17.53 30.88
C GLU A 192 5.79 -16.56 30.30
N ARG A 193 5.95 -15.24 30.60
CA ARG A 193 5.02 -14.18 30.20
C ARG A 193 5.54 -13.41 28.98
N ARG A 194 6.69 -13.83 28.43
CA ARG A 194 7.23 -13.21 27.22
C ARG A 194 6.40 -13.59 26.00
N GLU A 195 5.97 -12.59 25.23
CA GLU A 195 5.10 -12.77 24.07
C GLU A 195 5.40 -11.65 23.07
N ASP A 196 5.42 -11.95 21.77
CA ASP A 196 5.77 -10.97 20.76
C ASP A 196 4.91 -11.19 19.52
N PRO A 197 3.85 -10.36 19.34
CA PRO A 197 2.93 -10.51 18.21
C PRO A 197 3.61 -10.40 16.84
N MET A 198 4.70 -9.61 16.78
CA MET A 198 5.43 -9.38 15.55
C MET A 198 6.24 -10.63 15.19
N ALA A 199 6.94 -11.19 16.20
CA ALA A 199 7.65 -12.46 16.04
C ALA A 199 6.70 -13.60 15.71
N ASP A 200 5.54 -13.69 16.36
CA ASP A 200 4.59 -14.75 16.06
C ASP A 200 4.16 -14.66 14.59
N TRP A 201 3.77 -13.46 14.17
CA TRP A 201 3.24 -13.26 12.83
C TRP A 201 4.33 -13.49 11.78
N LEU A 202 5.43 -12.74 11.88
CA LEU A 202 6.44 -12.76 10.83
C LEU A 202 7.31 -14.01 10.93
N GLY A 203 7.61 -14.42 12.18
CA GLY A 203 8.34 -15.65 12.44
C GLY A 203 7.55 -16.88 11.96
N GLY A 204 6.22 -16.85 12.14
CA GLY A 204 5.35 -17.89 11.62
C GLY A 204 5.51 -18.06 10.12
N ILE A 205 5.45 -16.94 9.38
CA ILE A 205 5.56 -16.98 7.94
C ILE A 205 6.97 -17.44 7.53
N LEU A 206 7.99 -16.88 8.18
CA LEU A 206 9.37 -17.26 7.89
C LEU A 206 9.60 -18.74 8.17
N GLY A 207 9.01 -19.26 9.25
CA GLY A 207 9.10 -20.67 9.64
C GLY A 207 8.64 -21.60 8.53
N ARG A 208 7.49 -21.29 7.90
CA ARG A 208 6.99 -22.07 6.79
C ARG A 208 7.96 -22.14 5.61
N TYR A 209 8.93 -21.21 5.49
CA TYR A 209 9.93 -21.26 4.42
C TYR A 209 11.28 -21.73 4.98
N GLY A 210 11.27 -22.19 6.23
CA GLY A 210 12.47 -22.75 6.83
C GLY A 210 13.44 -21.69 7.33
N HIS A 211 12.94 -20.50 7.69
CA HIS A 211 13.80 -19.44 8.21
C HIS A 211 13.35 -19.03 9.59
N THR A 212 14.32 -18.50 10.35
CA THR A 212 14.07 -17.99 11.69
C THR A 212 13.65 -16.51 11.62
N PHE A 213 13.05 -16.05 12.71
CA PHE A 213 12.84 -14.63 12.94
C PHE A 213 14.15 -14.02 13.43
N ASP A 214 14.40 -12.77 13.05
CA ASP A 214 15.39 -11.89 13.67
C ASP A 214 14.78 -10.50 13.75
N GLU A 215 15.21 -9.72 14.74
CA GLU A 215 14.68 -8.38 14.99
C GLU A 215 14.91 -7.47 13.77
N GLU A 216 15.86 -7.81 12.90
CA GLU A 216 16.16 -6.95 11.78
C GLU A 216 15.02 -7.01 10.76
N VAL A 217 14.11 -7.97 10.82
CA VAL A 217 12.93 -8.00 9.95
C VAL A 217 11.90 -6.96 10.39
N VAL A 218 12.06 -6.40 11.59
CA VAL A 218 11.13 -5.41 12.13
C VAL A 218 11.62 -3.98 11.81
N VAL A 219 12.94 -3.76 11.78
CA VAL A 219 13.49 -2.42 11.60
C VAL A 219 14.47 -2.32 10.43
N GLY A 220 14.68 -3.43 9.70
CA GLY A 220 15.60 -3.48 8.58
C GLY A 220 17.04 -3.66 9.07
N GLN A 221 17.93 -4.03 8.14
CA GLN A 221 19.35 -4.09 8.43
C GLN A 221 19.90 -2.68 8.57
N TRP A 222 19.32 -1.75 7.80
CA TRP A 222 19.52 -0.33 8.05
C TRP A 222 18.26 0.43 7.67
N THR A 223 18.27 1.72 8.03
CA THR A 223 17.15 2.60 7.83
C THR A 223 17.62 3.78 6.97
N ILE A 224 16.98 3.94 5.80
CA ILE A 224 17.20 5.13 4.97
C ILE A 224 16.10 6.12 5.32
N ASP A 225 16.49 7.30 5.77
CA ASP A 225 15.56 8.20 6.46
C ASP A 225 15.47 9.55 5.73
N GLN A 226 14.26 9.89 5.29
CA GLN A 226 13.99 11.14 4.59
C GLN A 226 13.57 12.25 5.55
N ILE A 227 13.48 11.95 6.85
CA ILE A 227 13.15 12.94 7.86
C ILE A 227 14.42 13.65 8.30
N PRO A 228 14.46 15.00 8.29
CA PRO A 228 15.62 15.74 8.80
C PRO A 228 15.93 15.31 10.24
N THR A 229 17.23 15.11 10.50
CA THR A 229 17.71 14.56 11.77
C THR A 229 17.14 15.32 12.97
N SER A 230 17.04 16.65 12.90
CA SER A 230 16.63 17.46 14.02
C SER A 230 15.18 17.16 14.40
N LEU A 231 14.37 16.61 13.48
CA LEU A 231 12.97 16.36 13.77
C LEU A 231 12.69 14.87 14.00
N GLN A 232 13.72 14.04 13.94
CA GLN A 232 13.56 12.59 14.01
C GLN A 232 13.88 12.11 15.42
N LEU A 233 13.20 11.01 15.82
CA LEU A 233 13.40 10.43 17.15
C LEU A 233 14.72 9.66 17.14
N PRO A 234 15.59 9.90 18.17
CA PRO A 234 16.86 9.19 18.27
C PRO A 234 16.66 7.71 18.63
N LEU A 235 17.41 6.84 17.95
CA LEU A 235 17.20 5.39 18.00
C LEU A 235 18.56 4.72 17.81
N SER A 236 18.63 3.44 18.18
CA SER A 236 19.78 2.59 17.92
C SER A 236 19.52 1.84 16.62
N LEU A 237 19.89 2.52 15.53
CA LEU A 237 19.72 1.94 14.21
C LEU A 237 20.96 2.27 13.40
N ARG A 238 21.30 1.49 12.37
CA ARG A 238 22.15 1.99 11.29
C ARG A 238 21.29 2.92 10.43
N ARG A 239 21.58 4.23 10.48
CA ARG A 239 20.72 5.23 9.89
C ARG A 239 21.48 5.92 8.75
N VAL A 240 20.86 5.91 7.56
CA VAL A 240 21.39 6.64 6.42
C VAL A 240 20.42 7.77 6.10
N PRO A 241 20.73 9.02 6.48
CA PRO A 241 19.92 10.17 6.08
C PRO A 241 19.97 10.39 4.59
N VAL A 242 18.83 10.73 4.00
CA VAL A 242 18.76 11.06 2.58
C VAL A 242 17.81 12.25 2.43
N ARG A 243 18.11 13.14 1.50
CA ARG A 243 17.32 14.34 1.29
C ARG A 243 15.97 13.97 0.67
N TYR A 244 14.89 14.52 1.26
CA TYR A 244 13.57 14.42 0.66
C TYR A 244 13.53 15.25 -0.63
N LEU A 245 13.12 14.63 -1.73
CA LEU A 245 12.92 15.27 -3.01
C LEU A 245 11.47 15.08 -3.39
N PRO A 246 10.66 16.15 -3.59
CA PRO A 246 9.25 15.98 -3.82
C PRO A 246 8.92 15.11 -5.03
N HIS A 247 8.06 14.10 -4.81
CA HIS A 247 7.34 13.48 -5.91
C HIS A 247 5.89 13.33 -5.46
N ASN A 248 5.01 13.98 -6.25
CA ASN A 248 3.62 14.21 -5.89
C ASN A 248 2.72 13.47 -6.88
N GLY A 249 3.29 12.57 -7.67
CA GLY A 249 2.54 11.84 -8.68
C GLY A 249 2.63 12.52 -10.04
N PRO A 250 1.91 12.00 -11.04
CA PRO A 250 1.94 12.55 -12.39
C PRO A 250 1.58 14.04 -12.40
N SER A 251 2.40 14.86 -13.06
CA SER A 251 2.23 16.29 -12.91
C SER A 251 2.59 17.03 -14.20
N GLU A 252 1.85 18.12 -14.47
CA GLU A 252 2.17 19.09 -15.50
C GLU A 252 1.94 20.50 -14.94
N ILE A 253 2.69 21.45 -15.52
CA ILE A 253 2.62 22.84 -15.15
C ILE A 253 1.48 23.51 -15.91
N PRO A 254 0.47 24.07 -15.21
CA PRO A 254 -0.60 24.82 -15.87
C PRO A 254 -0.17 26.26 -16.18
N ASP A 255 -0.88 26.89 -17.13
CA ASP A 255 -0.58 28.25 -17.59
C ASP A 255 -0.74 29.26 -16.46
N TRP A 256 -1.76 29.06 -15.59
CA TRP A 256 -2.10 30.05 -14.57
C TRP A 256 -1.07 30.16 -13.46
N LEU A 257 -0.09 29.25 -13.41
CA LEU A 257 1.00 29.35 -12.47
C LEU A 257 1.90 30.56 -12.78
N ARG A 258 1.98 31.02 -14.04
CA ARG A 258 2.91 32.11 -14.38
C ARG A 258 2.62 33.38 -13.54
N GLU A 259 1.33 33.61 -13.27
CA GLU A 259 0.81 34.79 -12.59
C GLU A 259 1.21 34.77 -11.12
N ALA A 260 2.37 35.40 -10.76
CA ALA A 260 2.73 35.51 -9.34
C ALA A 260 1.61 36.27 -8.61
N PRO A 261 1.39 36.01 -7.29
CA PRO A 261 0.04 36.11 -6.71
C PRO A 261 -0.50 37.51 -6.37
N GLY A 262 0.38 38.36 -5.79
CA GLY A 262 0.09 39.74 -5.42
C GLY A 262 -0.28 39.90 -3.95
N ARG A 263 -0.54 38.77 -3.27
CA ARG A 263 -0.85 38.75 -1.85
C ARG A 263 -0.59 37.31 -1.38
N PRO A 264 -0.59 37.05 -0.06
CA PRO A 264 -0.32 35.70 0.45
C PRO A 264 -1.16 34.62 -0.24
N ARG A 265 -0.47 33.63 -0.82
CA ARG A 265 -1.11 32.46 -1.40
C ARG A 265 -1.20 31.37 -0.32
N VAL A 266 -2.41 30.84 -0.14
CA VAL A 266 -2.70 29.83 0.87
C VAL A 266 -3.26 28.61 0.15
N VAL A 267 -2.63 27.45 0.38
CA VAL A 267 -3.01 26.21 -0.30
C VAL A 267 -3.63 25.28 0.73
N LEU A 268 -4.72 24.62 0.32
CA LEU A 268 -5.43 23.66 1.14
C LEU A 268 -5.58 22.37 0.35
N THR A 269 -5.13 21.26 0.95
CA THR A 269 -5.32 19.90 0.43
C THR A 269 -6.11 19.11 1.46
N SER A 270 -7.24 18.55 0.96
CA SER A 270 -8.01 17.42 1.49
C SER A 270 -8.03 16.31 0.47
N GLY A 271 -7.45 15.14 0.81
CA GLY A 271 -7.49 13.96 -0.05
C GLY A 271 -8.53 12.91 0.36
N VAL A 272 -8.28 11.68 -0.11
CA VAL A 272 -9.05 10.51 0.25
C VAL A 272 -8.48 9.90 1.54
N SER A 273 -7.18 10.13 1.79
CA SER A 273 -6.56 9.90 3.09
C SER A 273 -7.22 10.77 4.15
N ALA A 274 -7.28 12.09 3.90
CA ALA A 274 -7.89 13.02 4.82
C ALA A 274 -9.26 12.50 5.27
N ARG A 275 -10.14 12.22 4.30
CA ARG A 275 -11.54 11.91 4.58
C ARG A 275 -11.69 10.52 5.24
N ALA A 276 -11.03 9.49 4.67
CA ALA A 276 -11.13 8.12 5.17
C ALA A 276 -10.65 7.99 6.62
N ALA A 277 -9.82 8.92 7.10
CA ALA A 277 -9.22 8.82 8.43
C ALA A 277 -9.81 9.85 9.41
N LEU A 278 -10.06 11.09 8.97
CA LEU A 278 -10.60 12.14 9.84
C LEU A 278 -12.11 11.92 10.03
N GLY A 279 -12.73 11.39 8.97
CA GLY A 279 -14.11 10.92 8.97
C GLY A 279 -15.03 11.89 8.23
N GLY A 280 -15.99 12.43 8.98
CA GLY A 280 -16.91 13.43 8.49
C GLY A 280 -17.55 14.19 9.64
N THR A 281 -16.87 14.16 10.80
CA THR A 281 -17.41 14.52 12.10
C THR A 281 -17.01 15.94 12.51
N PHE A 282 -15.96 16.47 11.86
CA PHE A 282 -15.30 17.71 12.24
C PHE A 282 -15.70 18.82 11.24
N MET A 283 -15.05 19.99 11.35
CA MET A 283 -15.33 21.12 10.49
C MET A 283 -15.26 20.73 9.02
N PRO A 284 -16.37 20.86 8.24
CA PRO A 284 -16.35 20.58 6.80
C PRO A 284 -15.38 21.44 5.99
N VAL A 285 -14.92 20.90 4.86
CA VAL A 285 -14.07 21.65 3.95
C VAL A 285 -14.83 22.86 3.41
N ALA A 286 -16.15 22.73 3.21
CA ALA A 286 -16.97 23.83 2.71
C ALA A 286 -16.91 25.03 3.65
N ASP A 287 -16.88 24.79 4.98
CA ASP A 287 -16.77 25.87 5.95
C ASP A 287 -15.35 26.45 5.93
N MET A 288 -14.37 25.58 5.65
CA MET A 288 -12.98 26.02 5.59
C MET A 288 -12.79 26.98 4.42
N ILE A 289 -13.39 26.64 3.27
CA ILE A 289 -13.31 27.46 2.06
C ILE A 289 -13.95 28.82 2.31
N ASN A 290 -15.12 28.83 2.97
CA ASN A 290 -15.87 30.06 3.24
C ASN A 290 -15.10 30.96 4.18
N THR A 291 -14.48 30.39 5.22
CA THR A 291 -13.62 31.16 6.11
C THR A 291 -12.46 31.83 5.35
N LEU A 292 -11.77 31.00 4.56
CA LEU A 292 -10.62 31.50 3.85
C LEU A 292 -11.06 32.48 2.76
N GLY A 293 -12.26 32.28 2.22
CA GLY A 293 -12.85 33.15 1.20
C GLY A 293 -13.13 34.57 1.69
N SER A 294 -13.12 34.79 3.02
CA SER A 294 -13.34 36.11 3.55
C SER A 294 -12.01 36.85 3.78
N MET A 295 -10.86 36.22 3.49
CA MET A 295 -9.59 36.77 3.91
C MET A 295 -8.87 37.40 2.73
N ASP A 296 -7.93 38.33 2.98
CA ASP A 296 -7.20 39.00 1.91
C ASP A 296 -5.99 38.15 1.52
N ILE A 297 -6.33 37.02 0.87
CA ILE A 297 -5.38 36.00 0.43
C ILE A 297 -5.86 35.47 -0.93
N ASP A 298 -4.92 34.84 -1.64
CA ASP A 298 -5.22 33.95 -2.77
C ASP A 298 -5.30 32.52 -2.25
N VAL A 299 -6.38 31.80 -2.56
CA VAL A 299 -6.57 30.44 -2.08
C VAL A 299 -6.60 29.48 -3.27
N VAL A 300 -5.79 28.41 -3.17
CA VAL A 300 -5.88 27.28 -4.09
C VAL A 300 -6.24 26.05 -3.25
N ALA A 301 -7.38 25.42 -3.59
CA ALA A 301 -7.87 24.28 -2.86
C ALA A 301 -7.93 23.08 -3.81
N ALA A 302 -7.11 22.06 -3.51
CA ALA A 302 -7.17 20.76 -4.20
C ALA A 302 -8.15 19.85 -3.44
N LEU A 303 -9.30 19.58 -4.11
CA LEU A 303 -10.42 18.83 -3.53
C LEU A 303 -10.84 17.68 -4.45
N PRO A 304 -11.26 16.53 -3.87
CA PRO A 304 -11.88 15.44 -4.63
C PRO A 304 -13.28 15.81 -5.11
N PRO A 305 -13.86 15.08 -6.09
CA PRO A 305 -15.08 15.55 -6.78
C PRO A 305 -16.34 15.66 -5.92
N GLU A 306 -16.38 14.93 -4.80
CA GLU A 306 -17.53 14.90 -3.90
C GLU A 306 -17.56 16.16 -3.01
N GLU A 307 -16.38 16.57 -2.52
CA GLU A 307 -16.31 17.75 -1.68
C GLU A 307 -16.45 18.99 -2.55
N VAL A 308 -16.16 18.89 -3.87
CA VAL A 308 -16.33 19.97 -4.85
C VAL A 308 -17.82 20.29 -5.02
N GLU A 309 -18.63 19.23 -5.26
CA GLU A 309 -20.05 19.38 -5.57
C GLU A 309 -20.80 19.89 -4.34
N ALA A 310 -20.48 19.34 -3.17
CA ALA A 310 -21.08 19.68 -1.89
C ALA A 310 -20.61 21.05 -1.40
N LEU A 311 -20.93 22.11 -2.16
CA LEU A 311 -20.27 23.40 -2.03
C LEU A 311 -21.08 24.40 -2.85
N GLU A 312 -21.63 25.44 -2.20
CA GLU A 312 -22.61 26.29 -2.87
C GLU A 312 -21.89 27.20 -3.86
N LYS A 313 -21.29 28.27 -3.34
CA LYS A 313 -20.61 29.29 -4.13
C LYS A 313 -19.11 29.12 -3.91
N VAL A 314 -18.29 29.49 -4.91
CA VAL A 314 -16.85 29.49 -4.74
C VAL A 314 -16.40 30.93 -4.54
N PRO A 315 -15.77 31.27 -3.39
CA PRO A 315 -15.37 32.66 -3.14
C PRO A 315 -14.49 33.24 -4.23
N ALA A 316 -14.45 34.57 -4.33
CA ALA A 316 -13.78 35.25 -5.43
C ALA A 316 -12.28 35.02 -5.35
N ASN A 317 -11.72 34.82 -4.13
CA ASN A 317 -10.28 34.72 -3.95
C ASN A 317 -9.77 33.28 -4.10
N THR A 318 -10.66 32.35 -4.48
CA THR A 318 -10.41 30.93 -4.40
C THR A 318 -10.47 30.28 -5.78
N ARG A 319 -9.44 29.49 -6.09
CA ARG A 319 -9.45 28.55 -7.20
C ARG A 319 -9.51 27.13 -6.64
N ILE A 320 -10.39 26.33 -7.26
CA ILE A 320 -10.57 24.92 -6.95
C ILE A 320 -10.01 24.07 -8.11
N VAL A 321 -9.17 23.10 -7.74
CA VAL A 321 -8.55 22.17 -8.68
C VAL A 321 -8.78 20.73 -8.21
N ASP A 322 -8.75 19.82 -9.18
CA ASP A 322 -8.78 18.39 -8.92
C ASP A 322 -7.41 18.01 -8.39
N PHE A 323 -6.38 18.41 -9.15
CA PHE A 323 -5.00 18.17 -8.77
C PHE A 323 -4.15 19.32 -9.29
N VAL A 324 -3.19 19.76 -8.47
CA VAL A 324 -2.10 20.57 -8.96
C VAL A 324 -0.81 20.13 -8.26
N PRO A 325 0.31 19.97 -8.99
CA PRO A 325 1.58 19.58 -8.40
C PRO A 325 2.07 20.60 -7.37
N LEU A 326 2.00 20.11 -6.14
CA LEU A 326 2.51 20.85 -4.99
C LEU A 326 3.94 21.37 -5.20
N HIS A 327 4.86 20.66 -5.87
CA HIS A 327 6.21 21.15 -6.06
C HIS A 327 6.22 22.41 -6.94
N ALA A 328 5.30 22.52 -7.88
CA ALA A 328 5.16 23.69 -8.72
C ALA A 328 4.41 24.80 -7.98
N LEU A 329 3.44 24.42 -7.14
CA LEU A 329 2.56 25.41 -6.52
C LEU A 329 3.19 26.07 -5.29
N LEU A 330 4.03 25.38 -4.53
CA LEU A 330 4.39 25.89 -3.22
C LEU A 330 5.53 26.92 -3.27
N PRO A 331 6.38 27.04 -4.30
CA PRO A 331 7.34 28.17 -4.31
C PRO A 331 6.58 29.50 -4.23
N GLY A 332 6.94 30.37 -3.28
CA GLY A 332 6.23 31.64 -3.04
C GLY A 332 4.82 31.51 -2.40
N ALA A 333 4.39 30.31 -2.06
CA ALA A 333 3.20 30.16 -1.22
C ALA A 333 3.51 30.61 0.20
N SER A 334 2.49 31.03 0.94
CA SER A 334 2.66 31.50 2.31
C SER A 334 2.29 30.43 3.32
N VAL A 335 1.26 29.62 3.02
CA VAL A 335 0.73 28.64 3.95
C VAL A 335 0.25 27.41 3.21
N LEU A 336 0.56 26.22 3.75
CA LEU A 336 -0.09 24.99 3.33
C LEU A 336 -0.89 24.44 4.49
N ILE A 337 -2.18 24.15 4.22
CA ILE A 337 -3.08 23.55 5.19
C ILE A 337 -3.33 22.11 4.77
N HIS A 338 -3.03 21.15 5.66
CA HIS A 338 -3.16 19.73 5.30
C HIS A 338 -3.16 18.88 6.56
N HIS A 339 -3.34 17.56 6.39
CA HIS A 339 -3.59 16.60 7.48
C HIS A 339 -2.31 15.99 8.04
N GLY A 340 -1.14 16.24 7.40
CA GLY A 340 0.14 15.84 7.96
C GLY A 340 0.79 14.64 7.22
N GLY A 341 0.21 14.23 6.09
CA GLY A 341 0.85 13.31 5.16
C GLY A 341 2.20 13.84 4.66
N PHE A 342 3.09 12.91 4.32
CA PHE A 342 4.50 13.26 4.11
C PHE A 342 4.70 14.01 2.80
N GLY A 343 3.92 13.71 1.76
CA GLY A 343 4.08 14.38 0.47
C GLY A 343 3.89 15.89 0.62
N SER A 344 2.81 16.28 1.31
CA SER A 344 2.52 17.67 1.60
C SER A 344 3.55 18.27 2.57
N TRP A 345 3.79 17.56 3.67
CA TRP A 345 4.70 18.02 4.70
C TRP A 345 6.08 18.26 4.11
N GLY A 346 6.59 17.28 3.38
CA GLY A 346 7.93 17.35 2.82
C GLY A 346 8.06 18.39 1.72
N THR A 347 7.01 18.52 0.88
CA THR A 347 7.07 19.45 -0.24
C THR A 347 7.00 20.90 0.27
N ALA A 348 6.16 21.14 1.29
CA ALA A 348 6.13 22.43 1.96
C ALA A 348 7.48 22.69 2.62
N LEU A 349 8.06 21.65 3.23
CA LEU A 349 9.31 21.84 3.97
C LEU A 349 10.42 22.26 3.03
N VAL A 350 10.54 21.66 1.84
CA VAL A 350 11.64 21.97 0.95
C VAL A 350 11.42 23.34 0.32
N ASN A 351 10.19 23.85 0.35
CA ASN A 351 9.90 25.18 -0.19
C ASN A 351 9.88 26.24 0.92
N GLY A 352 10.14 25.86 2.17
CA GLY A 352 10.15 26.80 3.29
C GLY A 352 8.78 27.39 3.60
N VAL A 353 7.68 26.69 3.25
CA VAL A 353 6.33 27.19 3.46
C VAL A 353 5.81 26.75 4.85
N PRO A 354 5.43 27.71 5.72
CA PRO A 354 4.76 27.39 6.97
C PRO A 354 3.49 26.55 6.75
N GLN A 355 3.28 25.64 7.68
CA GLN A 355 2.23 24.63 7.54
C GLN A 355 1.27 24.77 8.72
N PHE A 356 -0.02 24.60 8.40
CA PHE A 356 -1.06 24.49 9.39
C PHE A 356 -1.69 23.11 9.26
N ILE A 357 -1.61 22.34 10.34
CA ILE A 357 -1.92 20.91 10.29
C ILE A 357 -3.01 20.62 11.33
N PRO A 358 -4.30 20.69 10.93
CA PRO A 358 -5.38 20.20 11.76
C PRO A 358 -5.58 18.71 11.53
N THR A 359 -5.29 17.90 12.56
CA THR A 359 -5.17 16.46 12.32
C THR A 359 -5.49 15.67 13.60
N ILE A 360 -5.26 14.37 13.51
CA ILE A 360 -5.56 13.40 14.52
C ILE A 360 -4.33 12.53 14.80
N ARG A 361 -4.40 11.70 15.86
CA ARG A 361 -3.28 10.86 16.25
C ARG A 361 -3.36 9.55 15.45
N TYR A 362 -3.15 9.66 14.14
CA TYR A 362 -3.11 8.55 13.22
C TYR A 362 -1.75 8.55 12.51
N ALA A 363 -1.19 7.37 12.29
CA ALA A 363 0.19 7.22 11.85
C ALA A 363 1.07 8.21 12.57
N ASP A 364 1.90 8.98 11.84
CA ASP A 364 2.78 9.97 12.47
C ASP A 364 2.24 11.38 12.24
N TRP A 365 0.98 11.51 11.85
CA TRP A 365 0.45 12.81 11.43
C TRP A 365 0.57 13.84 12.55
N TRP A 366 0.26 13.43 13.78
CA TRP A 366 0.29 14.33 14.91
C TRP A 366 1.73 14.77 15.17
N ASN A 367 2.69 13.84 15.04
CA ASN A 367 4.10 14.13 15.19
C ASN A 367 4.59 15.08 14.09
N LYS A 368 4.04 14.93 12.90
CA LYS A 368 4.37 15.81 11.78
C LYS A 368 3.98 17.24 12.14
N GLY A 369 2.78 17.39 12.74
CA GLY A 369 2.31 18.68 13.22
C GLY A 369 3.13 19.22 14.41
N THR A 370 3.31 18.39 15.44
CA THR A 370 3.96 18.84 16.66
C THR A 370 5.43 19.14 16.42
N SER A 371 6.12 18.39 15.56
CA SER A 371 7.51 18.66 15.25
C SER A 371 7.68 20.10 14.75
N LEU A 372 6.80 20.53 13.84
CA LEU A 372 6.87 21.88 13.29
C LEU A 372 6.45 22.90 14.34
N HIS A 373 5.39 22.59 15.10
CA HIS A 373 4.90 23.46 16.16
C HIS A 373 6.01 23.78 17.16
N GLU A 374 6.69 22.76 17.68
CA GLU A 374 7.77 22.94 18.64
C GLU A 374 8.91 23.73 18.05
N ALA A 375 9.16 23.61 16.75
CA ALA A 375 10.26 24.31 16.10
C ALA A 375 9.86 25.76 15.79
N GLY A 376 8.58 26.09 15.93
CA GLY A 376 8.08 27.42 15.61
C GLY A 376 7.91 27.66 14.10
N ALA A 377 7.85 26.58 13.32
CA ALA A 377 7.81 26.65 11.86
C ALA A 377 6.38 26.54 11.32
N GLY A 378 5.45 26.07 12.17
CA GLY A 378 4.07 25.90 11.77
C GLY A 378 3.18 25.73 13.00
N LEU A 379 1.90 25.38 12.75
CA LEU A 379 0.91 25.23 13.80
C LEU A 379 0.20 23.90 13.61
N VAL A 380 0.02 23.16 14.74
CA VAL A 380 -0.80 21.96 14.76
C VAL A 380 -1.99 22.22 15.70
N VAL A 381 -3.16 21.68 15.31
CA VAL A 381 -4.29 21.67 16.20
C VAL A 381 -5.02 20.35 15.99
N HIS A 382 -5.70 19.84 17.03
CA HIS A 382 -6.53 18.65 16.85
C HIS A 382 -7.71 19.02 15.97
N ALA A 383 -8.04 18.14 15.01
CA ALA A 383 -9.10 18.39 14.06
C ALA A 383 -10.44 18.75 14.75
N SER A 384 -10.67 18.14 15.92
CA SER A 384 -11.90 18.28 16.68
C SER A 384 -12.04 19.71 17.22
N GLU A 385 -10.91 20.41 17.41
CA GLU A 385 -10.93 21.76 17.94
C GLU A 385 -10.92 22.82 16.84
N LEU A 386 -11.08 22.42 15.58
CA LEU A 386 -10.93 23.39 14.50
C LEU A 386 -12.25 24.15 14.33
N THR A 387 -12.15 25.48 14.44
CA THR A 387 -13.26 26.38 14.17
C THR A 387 -12.84 27.41 13.13
N ALA A 388 -13.84 28.16 12.62
CA ALA A 388 -13.60 29.28 11.73
C ALA A 388 -12.61 30.27 12.37
N GLU A 389 -12.73 30.49 13.69
CA GLU A 389 -11.88 31.50 14.36
C GLU A 389 -10.44 30.99 14.44
N VAL A 390 -10.23 29.70 14.75
CA VAL A 390 -8.90 29.11 14.85
C VAL A 390 -8.25 29.07 13.46
N LEU A 391 -9.01 28.64 12.44
CA LEU A 391 -8.53 28.63 11.07
C LEU A 391 -8.01 30.02 10.65
N ARG A 392 -8.88 31.04 10.81
CA ARG A 392 -8.57 32.40 10.42
C ARG A 392 -7.33 32.90 11.19
N GLU A 393 -7.33 32.69 12.51
CA GLU A 393 -6.27 33.25 13.33
C GLU A 393 -4.93 32.57 13.03
N SER A 394 -4.95 31.26 12.80
CA SER A 394 -3.75 30.48 12.53
C SER A 394 -3.13 30.93 11.20
N VAL A 395 -3.97 31.06 10.17
CA VAL A 395 -3.47 31.50 8.86
C VAL A 395 -2.85 32.92 9.00
N GLU A 396 -3.57 33.83 9.68
CA GLU A 396 -3.10 35.19 9.88
C GLU A 396 -1.71 35.16 10.54
N ARG A 397 -1.56 34.32 11.57
CA ARG A 397 -0.33 34.25 12.35
C ARG A 397 0.81 33.75 11.46
N LEU A 398 0.57 32.75 10.59
CA LEU A 398 1.61 32.17 9.75
C LEU A 398 2.02 33.15 8.64
N VAL A 399 1.05 33.99 8.20
CA VAL A 399 1.37 35.03 7.23
C VAL A 399 2.13 36.20 7.91
N GLU A 400 1.65 36.68 9.05
CA GLU A 400 2.08 37.97 9.59
C GLU A 400 3.32 37.83 10.46
N ASP A 401 3.36 36.79 11.31
CA ASP A 401 4.51 36.58 12.19
C ASP A 401 5.65 35.94 11.39
N ALA A 402 6.73 36.72 11.24
CA ALA A 402 7.86 36.36 10.38
C ALA A 402 8.69 35.19 10.94
N SER A 403 8.49 34.89 12.23
CA SER A 403 9.25 33.86 12.92
C SER A 403 8.93 32.47 12.37
N TYR A 404 7.71 32.31 11.82
CA TYR A 404 7.29 31.06 11.21
C TYR A 404 8.07 30.80 9.92
N ARG A 405 8.08 31.77 8.98
CA ARG A 405 8.89 31.65 7.79
C ARG A 405 10.35 31.41 8.13
N GLU A 406 10.88 32.07 9.16
CA GLU A 406 12.28 31.95 9.49
C GLU A 406 12.61 30.54 9.98
N ALA A 407 11.75 29.97 10.83
CA ALA A 407 11.93 28.62 11.34
C ALA A 407 11.76 27.60 10.20
N ALA A 408 10.78 27.80 9.32
CA ALA A 408 10.57 26.96 8.16
C ALA A 408 11.80 26.97 7.24
N GLU A 409 12.43 28.15 7.13
CA GLU A 409 13.57 28.34 6.27
C GLU A 409 14.77 27.58 6.83
N ARG A 410 14.90 27.53 8.15
CA ARG A 410 15.98 26.76 8.76
C ARG A 410 15.83 25.26 8.44
N LEU A 411 14.59 24.75 8.45
CA LEU A 411 14.33 23.35 8.15
C LEU A 411 14.61 23.06 6.66
N ARG A 412 14.19 24.00 5.81
CA ARG A 412 14.50 23.92 4.40
C ARG A 412 16.01 23.75 4.21
N GLU A 413 16.80 24.57 4.92
CA GLU A 413 18.26 24.55 4.79
C GLU A 413 18.81 23.24 5.32
N GLU A 414 18.21 22.70 6.39
CA GLU A 414 18.65 21.43 6.94
C GLU A 414 18.45 20.33 5.91
N ASN A 415 17.28 20.27 5.26
CA ASN A 415 17.02 19.30 4.22
C ASN A 415 18.06 19.44 3.10
N GLN A 416 18.37 20.69 2.73
CA GLN A 416 19.24 20.99 1.59
C GLN A 416 20.70 20.58 1.92
N ARG A 417 21.06 20.49 3.20
CA ARG A 417 22.38 20.00 3.58
C ARG A 417 22.44 18.48 3.59
N THR A 418 21.29 17.80 3.57
CA THR A 418 21.30 16.34 3.61
C THR A 418 21.75 15.81 2.25
N PRO A 419 22.60 14.76 2.23
CA PRO A 419 22.99 14.09 0.99
C PRO A 419 21.76 13.62 0.19
N THR A 420 21.87 13.79 -1.13
CA THR A 420 20.83 13.38 -2.06
C THR A 420 20.81 11.86 -2.21
N PRO A 421 19.69 11.32 -2.76
CA PRO A 421 19.65 9.93 -3.22
C PRO A 421 20.89 9.55 -4.05
N HIS A 422 21.26 10.40 -4.99
CA HIS A 422 22.48 10.23 -5.77
C HIS A 422 23.66 9.98 -4.85
N ASP A 423 23.87 10.84 -3.85
CA ASP A 423 25.03 10.74 -2.96
C ASP A 423 24.99 9.47 -2.12
N VAL A 424 23.81 8.94 -1.77
CA VAL A 424 23.78 7.77 -0.89
C VAL A 424 23.83 6.47 -1.70
N VAL A 425 23.80 6.52 -3.03
CA VAL A 425 23.85 5.30 -3.83
C VAL A 425 25.06 4.42 -3.42
N PRO A 426 26.31 4.94 -3.38
CA PRO A 426 27.46 4.12 -2.99
C PRO A 426 27.38 3.54 -1.58
N VAL A 427 26.80 4.29 -0.64
CA VAL A 427 26.56 3.82 0.72
C VAL A 427 25.65 2.59 0.69
N ILE A 428 24.57 2.66 -0.10
CA ILE A 428 23.63 1.57 -0.22
C ILE A 428 24.31 0.36 -0.86
N GLU A 429 25.17 0.59 -1.86
CA GLU A 429 25.94 -0.48 -2.50
C GLU A 429 26.83 -1.19 -1.48
N GLU A 430 27.58 -0.41 -0.67
CA GLU A 430 28.48 -0.97 0.33
C GLU A 430 27.69 -1.76 1.40
N LEU A 431 26.58 -1.19 1.87
CA LEU A 431 25.80 -1.85 2.90
C LEU A 431 25.19 -3.15 2.36
N THR A 432 24.85 -3.16 1.06
CA THR A 432 24.29 -4.37 0.45
C THR A 432 25.35 -5.47 0.38
N ALA A 433 26.58 -5.09 0.00
CA ALA A 433 27.70 -6.04 -0.04
C ALA A 433 27.96 -6.61 1.35
N GLU A 434 27.95 -5.75 2.36
CA GLU A 434 28.20 -6.15 3.74
C GLU A 434 27.12 -7.11 4.25
N HIS A 435 25.84 -6.84 3.98
CA HIS A 435 24.76 -7.52 4.69
C HIS A 435 24.11 -8.60 3.85
N GLY A 436 24.31 -8.59 2.52
CA GLY A 436 23.54 -9.49 1.68
C GLY A 436 24.26 -10.83 1.51
N ARG A 437 23.79 -11.68 0.61
CA ARG A 437 24.49 -12.94 0.36
C ARG A 437 25.85 -12.60 -0.25
N SER B 19 24.68 25.63 -6.50
CA SER B 19 24.88 24.34 -7.20
C SER B 19 23.57 23.76 -7.72
N HIS B 20 22.42 24.00 -7.03
CA HIS B 20 21.09 23.51 -7.40
C HIS B 20 20.60 24.11 -8.72
N MET B 21 20.20 23.27 -9.69
CA MET B 21 19.95 23.73 -11.04
C MET B 21 18.49 23.52 -11.41
N ARG B 22 17.96 24.39 -12.26
CA ARG B 22 16.77 24.11 -13.03
C ARG B 22 17.19 23.65 -14.43
N ILE B 23 16.72 22.47 -14.80
CA ILE B 23 17.12 21.82 -16.05
C ILE B 23 15.87 21.57 -16.87
N LEU B 24 15.88 22.10 -18.08
CA LEU B 24 14.77 21.93 -19.01
C LEU B 24 15.19 20.96 -20.10
N PHE B 25 14.47 19.83 -20.18
CA PHE B 25 14.59 18.90 -21.30
C PHE B 25 13.61 19.37 -22.37
N ALA B 26 14.06 19.32 -23.63
CA ALA B 26 13.21 19.61 -24.78
C ALA B 26 13.31 18.51 -25.81
N THR B 27 12.13 18.04 -26.24
CA THR B 27 12.04 17.01 -27.27
C THR B 27 10.82 17.29 -28.17
N VAL B 28 11.02 16.93 -29.45
CA VAL B 28 9.93 16.82 -30.39
C VAL B 28 8.95 15.79 -29.86
N SER B 29 7.71 15.85 -30.35
CA SER B 29 6.63 15.07 -29.78
C SER B 29 6.65 13.64 -30.36
N GLU B 30 7.74 12.91 -30.12
CA GLU B 30 7.81 11.48 -30.36
C GLU B 30 8.07 10.77 -29.03
N LYS B 31 7.19 9.86 -28.62
CA LYS B 31 7.44 9.10 -27.42
C LYS B 31 8.75 8.32 -27.50
N SER B 32 9.12 7.83 -28.68
CA SER B 32 10.34 7.05 -28.86
C SER B 32 11.56 7.89 -28.52
N HIS B 33 11.55 9.17 -28.91
CA HIS B 33 12.62 10.11 -28.57
C HIS B 33 12.60 10.43 -27.07
N LEU B 34 11.43 10.77 -26.53
CA LEU B 34 11.27 11.05 -25.11
C LEU B 34 11.88 9.96 -24.23
N PHE B 35 11.56 8.71 -24.51
CA PHE B 35 11.96 7.60 -23.65
C PHE B 35 13.48 7.46 -23.59
N THR B 36 14.20 7.92 -24.61
CA THR B 36 15.66 7.83 -24.61
C THR B 36 16.27 8.80 -23.60
N MET B 37 15.49 9.80 -23.18
CA MET B 37 16.02 10.89 -22.35
C MET B 37 15.70 10.64 -20.86
N VAL B 38 14.86 9.65 -20.56
CA VAL B 38 14.29 9.52 -19.23
C VAL B 38 15.35 9.18 -18.18
N PRO B 39 16.25 8.20 -18.41
CA PRO B 39 17.25 7.88 -17.38
C PRO B 39 18.15 9.06 -17.02
N LEU B 40 18.56 9.87 -18.03
CA LEU B 40 19.42 11.00 -17.74
C LEU B 40 18.65 12.05 -16.94
N ALA B 41 17.40 12.32 -17.35
CA ALA B 41 16.55 13.25 -16.64
C ALA B 41 16.42 12.84 -15.17
N TRP B 42 16.14 11.55 -14.92
CA TRP B 42 16.00 11.07 -13.56
C TRP B 42 17.33 11.09 -12.78
N SER B 43 18.47 10.90 -13.49
CA SER B 43 19.76 10.96 -12.83
C SER B 43 19.97 12.36 -12.23
N LEU B 44 19.52 13.38 -12.97
CA LEU B 44 19.73 14.76 -12.58
C LEU B 44 18.77 15.13 -11.44
N ALA B 45 17.52 14.66 -11.56
CA ALA B 45 16.53 14.86 -10.52
C ALA B 45 16.99 14.21 -9.20
N ALA B 46 17.62 13.03 -9.31
CA ALA B 46 18.06 12.27 -8.16
C ALA B 46 19.23 12.96 -7.45
N ALA B 47 19.93 13.85 -8.16
CA ALA B 47 21.01 14.62 -7.58
C ALA B 47 20.50 15.95 -7.02
N GLY B 48 19.18 16.15 -7.00
CA GLY B 48 18.58 17.28 -6.33
C GLY B 48 18.20 18.43 -7.26
N HIS B 49 18.44 18.30 -8.58
CA HIS B 49 18.07 19.33 -9.52
C HIS B 49 16.60 19.22 -9.87
N GLU B 50 16.01 20.36 -10.27
CA GLU B 50 14.66 20.40 -10.79
C GLU B 50 14.69 20.11 -12.28
N VAL B 51 13.91 19.12 -12.72
CA VAL B 51 13.90 18.72 -14.12
C VAL B 51 12.48 18.83 -14.64
N HIS B 52 12.30 19.66 -15.69
CA HIS B 52 11.06 19.74 -16.43
C HIS B 52 11.28 19.32 -17.87
N VAL B 53 10.28 18.64 -18.44
CA VAL B 53 10.34 18.17 -19.81
C VAL B 53 9.29 18.89 -20.64
N ALA B 54 9.76 19.63 -21.66
CA ALA B 54 8.88 20.38 -22.54
C ALA B 54 8.74 19.71 -23.90
N SER B 55 7.49 19.65 -24.38
CA SER B 55 7.17 19.29 -25.75
C SER B 55 5.78 19.83 -26.08
N ASN B 56 5.32 19.57 -27.32
CA ASN B 56 3.99 19.88 -27.78
C ASN B 56 2.96 19.13 -26.93
N PRO B 57 1.69 19.63 -26.85
CA PRO B 57 0.65 18.99 -26.05
C PRO B 57 0.41 17.51 -26.30
N ALA B 58 0.63 17.03 -27.52
CA ALA B 58 0.42 15.62 -27.84
C ALA B 58 1.30 14.72 -26.97
N LEU B 59 2.45 15.21 -26.45
CA LEU B 59 3.35 14.37 -25.69
C LEU B 59 3.10 14.42 -24.17
N THR B 60 2.20 15.29 -23.73
CA THR B 60 2.03 15.55 -22.30
C THR B 60 1.76 14.26 -21.53
N ALA B 61 0.82 13.43 -22.01
CA ALA B 61 0.45 12.21 -21.29
C ALA B 61 1.67 11.28 -21.19
N SER B 62 2.46 11.17 -22.27
CA SER B 62 3.65 10.35 -22.27
C SER B 62 4.67 10.83 -21.25
N ILE B 63 4.90 12.15 -21.19
CA ILE B 63 5.86 12.69 -20.24
C ILE B 63 5.42 12.35 -18.82
N LYS B 64 4.13 12.49 -18.54
CA LYS B 64 3.60 12.33 -17.19
C LYS B 64 3.77 10.89 -16.68
N SER B 65 3.75 9.90 -17.59
CA SER B 65 3.96 8.51 -17.22
C SER B 65 5.43 8.14 -17.07
N THR B 66 6.36 9.10 -17.25
CA THR B 66 7.78 8.87 -16.99
C THR B 66 8.14 9.22 -15.55
N GLY B 67 7.21 9.83 -14.82
CA GLY B 67 7.48 10.34 -13.48
C GLY B 67 8.00 11.78 -13.49
N LEU B 68 8.33 12.29 -14.70
CA LEU B 68 8.88 13.63 -14.83
C LEU B 68 7.76 14.64 -15.02
N THR B 69 8.03 15.88 -14.61
CA THR B 69 7.08 16.98 -14.77
C THR B 69 7.04 17.45 -16.22
N ALA B 70 5.82 17.45 -16.79
CA ALA B 70 5.59 17.88 -18.17
C ALA B 70 5.29 19.37 -18.25
N VAL B 71 5.82 20.01 -19.30
CA VAL B 71 5.49 21.39 -19.63
C VAL B 71 4.98 21.43 -21.07
N PRO B 72 3.64 21.44 -21.29
CA PRO B 72 3.12 21.54 -22.66
C PRO B 72 3.43 22.92 -23.24
N VAL B 73 3.97 22.97 -24.45
CA VAL B 73 4.30 24.23 -25.10
C VAL B 73 3.75 24.21 -26.53
N GLY B 74 3.14 25.33 -26.94
CA GLY B 74 2.78 25.54 -28.34
C GLY B 74 1.63 24.65 -28.76
N LYS B 75 1.61 24.30 -30.04
CA LYS B 75 0.52 23.53 -30.62
C LYS B 75 1.11 22.32 -31.34
N ASP B 76 0.23 21.37 -31.68
CA ASP B 76 0.61 20.15 -32.38
C ASP B 76 0.82 20.44 -33.86
N HIS B 77 1.64 19.62 -34.51
CA HIS B 77 2.09 19.78 -35.89
C HIS B 77 1.49 18.65 -36.72
N ASN B 78 1.69 18.70 -38.05
CA ASN B 78 1.04 17.76 -38.98
C ASN B 78 2.07 16.85 -39.66
N LEU B 79 3.25 16.67 -39.03
CA LEU B 79 4.32 15.95 -39.71
C LEU B 79 3.86 14.56 -40.12
N HIS B 80 3.09 13.85 -39.26
CA HIS B 80 2.77 12.46 -39.54
C HIS B 80 1.79 12.33 -40.72
N GLU B 81 0.85 13.26 -40.83
CA GLU B 81 -0.07 13.32 -41.94
C GLU B 81 0.71 13.63 -43.24
N MET B 82 1.64 14.60 -43.19
CA MET B 82 2.34 14.92 -44.41
C MET B 82 3.26 13.77 -44.83
N LEU B 83 3.85 13.01 -43.89
CA LEU B 83 4.65 11.83 -44.20
C LEU B 83 3.79 10.72 -44.82
N THR B 84 2.64 10.41 -44.22
CA THR B 84 1.84 9.28 -44.67
C THR B 84 1.22 9.61 -46.04
N GLU B 85 0.78 10.87 -46.21
CA GLU B 85 0.17 11.32 -47.46
C GLU B 85 1.19 11.44 -48.59
N ASN B 86 2.49 11.53 -48.27
CA ASN B 86 3.56 11.49 -49.28
C ASN B 86 4.29 10.13 -49.13
N LEU B 90 9.39 8.41 -48.05
CA LEU B 90 10.26 8.84 -46.92
C LEU B 90 11.73 8.61 -47.27
N GLU B 91 11.96 7.50 -47.98
CA GLU B 91 13.26 7.18 -48.50
C GLU B 91 13.37 7.74 -49.92
N ASN B 92 14.14 8.83 -50.08
CA ASN B 92 14.61 9.26 -51.40
C ASN B 92 16.02 9.83 -51.24
N PRO B 93 16.81 10.04 -52.30
CA PRO B 93 18.21 10.44 -52.13
C PRO B 93 18.45 11.68 -51.26
N LEU B 94 17.51 12.64 -51.26
CA LEU B 94 17.64 13.91 -50.53
C LEU B 94 17.40 13.75 -49.02
N SER B 95 16.71 12.67 -48.65
CA SER B 95 16.42 12.39 -47.24
C SER B 95 17.41 11.37 -46.69
N ASP B 96 18.38 10.95 -47.53
CA ASP B 96 19.27 9.86 -47.15
C ASP B 96 20.52 10.49 -46.56
N TRP B 97 20.61 10.49 -45.21
CA TRP B 97 21.81 11.01 -44.56
C TRP B 97 22.64 9.89 -43.99
N SER B 98 22.48 8.67 -44.53
CA SER B 98 23.14 7.49 -44.01
C SER B 98 24.63 7.44 -44.32
N THR B 99 25.11 8.17 -45.34
CA THR B 99 26.53 8.20 -45.69
C THR B 99 26.96 9.65 -45.82
N PRO B 100 27.08 10.37 -44.67
CA PRO B 100 27.51 11.77 -44.67
C PRO B 100 29.02 11.90 -44.89
N GLU B 101 29.43 11.82 -46.17
CA GLU B 101 30.84 11.82 -46.54
C GLU B 101 31.09 12.91 -47.59
N LEU B 102 32.21 13.63 -47.45
CA LEU B 102 32.61 14.68 -48.38
C LEU B 102 32.59 14.16 -49.82
N ASP B 103 33.20 12.98 -50.02
CA ASP B 103 33.32 12.34 -51.32
C ASP B 103 31.97 12.08 -51.95
N ARG B 104 30.85 12.09 -51.21
CA ARG B 104 29.57 11.79 -51.81
C ARG B 104 28.67 13.01 -51.87
N HIS B 105 29.21 14.19 -51.52
CA HIS B 105 28.43 15.42 -51.45
C HIS B 105 29.20 16.57 -52.12
N SER B 106 28.71 17.01 -53.28
CA SER B 106 29.01 18.33 -53.79
C SER B 106 28.36 19.36 -52.86
N TRP B 107 28.74 20.62 -53.03
CA TRP B 107 28.10 21.72 -52.35
C TRP B 107 26.57 21.66 -52.54
N GLU B 108 26.15 21.47 -53.79
CA GLU B 108 24.75 21.60 -54.12
C GLU B 108 23.95 20.45 -53.50
N GLN B 109 24.59 19.27 -53.40
CA GLN B 109 23.94 18.10 -52.83
C GLN B 109 23.70 18.30 -51.32
N VAL B 110 24.74 18.73 -50.60
CA VAL B 110 24.64 18.88 -49.16
C VAL B 110 23.75 20.08 -48.82
N LEU B 111 23.85 21.17 -49.60
CA LEU B 111 22.99 22.33 -49.38
C LEU B 111 21.52 21.90 -49.53
N MET B 112 21.24 21.12 -50.58
CA MET B 112 19.88 20.71 -50.87
C MET B 112 19.33 19.84 -49.72
N LYS B 113 20.20 18.99 -49.13
CA LYS B 113 19.80 18.15 -48.02
C LYS B 113 19.39 18.98 -46.81
N PHE B 114 20.18 20.02 -46.51
CA PHE B 114 19.86 20.92 -45.42
C PHE B 114 18.59 21.71 -45.72
N LYS B 115 18.39 22.13 -46.97
CA LYS B 115 17.21 22.92 -47.31
C LYS B 115 15.96 22.10 -47.08
N VAL B 116 15.97 20.86 -47.55
CA VAL B 116 14.79 20.00 -47.49
C VAL B 116 14.52 19.54 -46.05
N SER B 117 15.58 19.21 -45.30
CA SER B 117 15.41 18.72 -43.94
C SER B 117 14.89 19.85 -43.02
N VAL B 118 15.43 21.07 -43.21
CA VAL B 118 14.95 22.23 -42.47
C VAL B 118 13.47 22.51 -42.80
N MET B 119 13.14 22.56 -44.10
CA MET B 119 11.79 22.96 -44.50
C MET B 119 10.78 21.90 -44.08
N PHE B 120 11.09 20.62 -44.30
CA PHE B 120 10.09 19.59 -44.16
C PHE B 120 10.03 19.02 -42.74
N ALA B 121 11.19 18.69 -42.16
CA ALA B 121 11.22 17.99 -40.87
C ALA B 121 11.40 18.98 -39.70
N TYR B 122 12.50 19.74 -39.72
CA TYR B 122 12.90 20.48 -38.53
C TYR B 122 11.90 21.60 -38.20
N GLN B 123 11.44 22.31 -39.23
CA GLN B 123 10.49 23.40 -39.02
C GLN B 123 9.15 22.86 -38.56
N THR B 124 8.68 21.78 -39.18
CA THR B 124 7.40 21.19 -38.77
C THR B 124 7.45 20.76 -37.30
N TYR B 125 8.54 20.10 -36.89
CA TYR B 125 8.71 19.61 -35.53
C TYR B 125 8.80 20.73 -34.51
N ASN B 126 9.44 21.85 -34.89
CA ASN B 126 9.91 22.83 -33.93
C ASN B 126 9.16 24.17 -33.97
N ASP B 127 8.73 24.65 -35.13
CA ASP B 127 8.21 26.03 -35.23
C ASP B 127 6.89 26.16 -34.47
N CYS B 128 6.15 25.05 -34.37
CA CYS B 128 4.90 24.98 -33.64
C CYS B 128 5.07 25.26 -32.14
N MET B 129 6.31 25.24 -31.61
CA MET B 129 6.46 25.36 -30.16
C MET B 129 7.64 26.25 -29.76
N VAL B 130 8.47 26.68 -30.72
CA VAL B 130 9.72 27.35 -30.36
C VAL B 130 9.46 28.64 -29.57
N HIS B 131 8.47 29.44 -29.96
CA HIS B 131 8.25 30.73 -29.33
C HIS B 131 7.71 30.54 -27.90
N GLU B 132 6.83 29.57 -27.72
CA GLU B 132 6.30 29.23 -26.41
C GLU B 132 7.40 28.61 -25.54
N LEU B 133 8.36 27.92 -26.13
CA LEU B 133 9.49 27.36 -25.37
C LEU B 133 10.42 28.49 -24.93
N VAL B 134 10.67 29.47 -25.81
CA VAL B 134 11.47 30.62 -25.44
C VAL B 134 10.81 31.36 -24.27
N ASP B 135 9.49 31.52 -24.33
CA ASP B 135 8.70 32.17 -23.30
C ASP B 135 8.85 31.44 -21.98
N TYR B 136 8.67 30.11 -22.00
CA TYR B 136 8.79 29.32 -20.78
C TYR B 136 10.21 29.46 -20.20
N ALA B 137 11.22 29.41 -21.06
CA ALA B 137 12.59 29.55 -20.60
C ALA B 137 12.82 30.93 -19.95
N ARG B 138 12.16 31.96 -20.50
CA ARG B 138 12.26 33.31 -19.95
C ARG B 138 11.65 33.35 -18.55
N HIS B 139 10.47 32.74 -18.39
CA HIS B 139 9.81 32.63 -17.10
C HIS B 139 10.65 31.81 -16.10
N TRP B 140 11.10 30.61 -16.49
CA TRP B 140 11.60 29.62 -15.53
C TRP B 140 13.11 29.80 -15.31
N GLN B 141 13.80 30.36 -16.31
CA GLN B 141 15.23 30.65 -16.22
C GLN B 141 16.03 29.37 -15.94
N PRO B 142 15.96 28.33 -16.80
CA PRO B 142 16.78 27.14 -16.60
C PRO B 142 18.26 27.51 -16.66
N ASP B 143 19.06 26.81 -15.86
CA ASP B 143 20.51 26.89 -15.95
C ASP B 143 21.04 26.10 -17.14
N LEU B 144 20.27 25.06 -17.54
CA LEU B 144 20.71 24.08 -18.51
C LEU B 144 19.50 23.62 -19.30
N VAL B 145 19.70 23.48 -20.62
CA VAL B 145 18.72 22.85 -21.48
C VAL B 145 19.36 21.62 -22.11
N ILE B 146 18.72 20.45 -21.95
CA ILE B 146 19.17 19.23 -22.62
C ILE B 146 18.16 18.92 -23.70
N TRP B 147 18.65 18.82 -24.94
CA TRP B 147 17.75 18.74 -26.09
C TRP B 147 17.99 17.48 -26.92
N ASP B 148 16.87 16.85 -27.30
CA ASP B 148 16.87 15.83 -28.34
C ASP B 148 17.51 16.42 -29.59
N PRO B 149 18.30 15.63 -30.34
CA PRO B 149 19.16 16.18 -31.39
C PRO B 149 18.51 16.84 -32.61
N VAL B 150 17.21 16.65 -32.81
CA VAL B 150 16.48 17.38 -33.86
C VAL B 150 15.51 18.40 -33.27
N THR B 151 15.63 18.68 -31.97
CA THR B 151 14.75 19.62 -31.28
C THR B 151 15.46 20.96 -31.15
N TYR B 152 15.61 21.64 -32.29
CA TYR B 152 16.40 22.86 -32.37
C TYR B 152 15.71 24.04 -31.63
N ALA B 153 14.42 23.92 -31.32
CA ALA B 153 13.76 24.87 -30.44
C ALA B 153 14.52 24.99 -29.10
N GLY B 154 15.10 23.87 -28.67
CA GLY B 154 15.79 23.80 -27.38
C GLY B 154 16.97 24.76 -27.26
N PRO B 155 17.98 24.66 -28.13
CA PRO B 155 19.14 25.56 -28.05
C PRO B 155 18.79 27.03 -28.29
N VAL B 156 17.73 27.29 -29.08
CA VAL B 156 17.26 28.65 -29.29
C VAL B 156 16.82 29.23 -27.95
N ALA B 157 15.90 28.52 -27.28
CA ALA B 157 15.41 28.92 -25.97
C ALA B 157 16.55 29.07 -24.97
N ALA B 158 17.52 28.15 -24.99
CA ALA B 158 18.65 28.22 -24.08
C ALA B 158 19.44 29.51 -24.32
N ARG B 159 19.76 29.77 -25.59
CA ARG B 159 20.63 30.88 -25.93
C ARG B 159 19.97 32.20 -25.54
N VAL B 160 18.66 32.32 -25.79
CA VAL B 160 17.92 33.51 -25.43
C VAL B 160 18.09 33.83 -23.94
N VAL B 161 18.17 32.84 -23.05
CA VAL B 161 18.25 33.10 -21.62
C VAL B 161 19.66 32.84 -21.08
N GLY B 162 20.63 32.58 -21.96
CA GLY B 162 22.01 32.34 -21.54
C GLY B 162 22.26 31.00 -20.85
N ALA B 163 21.32 30.05 -20.94
CA ALA B 163 21.51 28.74 -20.34
C ALA B 163 22.59 27.96 -21.06
N ALA B 164 23.32 27.11 -20.32
CA ALA B 164 24.13 26.10 -21.00
C ALA B 164 23.18 25.10 -21.71
N HIS B 165 23.67 24.40 -22.71
CA HIS B 165 22.82 23.45 -23.42
C HIS B 165 23.64 22.40 -24.15
N ALA B 166 23.07 21.19 -24.21
CA ALA B 166 23.76 20.02 -24.77
C ALA B 166 22.75 19.10 -25.41
N ARG B 167 23.17 18.46 -26.51
CA ARG B 167 22.38 17.43 -27.16
C ARG B 167 22.50 16.16 -26.32
N LEU B 168 21.41 15.39 -26.26
CA LEU B 168 21.47 14.02 -25.77
C LEU B 168 21.09 13.07 -26.90
N LEU B 169 22.05 12.23 -27.30
CA LEU B 169 21.99 11.47 -28.56
C LEU B 169 21.45 10.07 -28.33
N TRP B 170 20.42 9.75 -29.15
CA TRP B 170 19.97 8.39 -29.38
C TRP B 170 20.55 7.86 -30.71
N CYS B 171 21.28 8.71 -31.42
CA CYS B 171 21.57 8.52 -32.84
C CYS B 171 23.05 8.31 -33.08
N ILE B 172 23.36 7.41 -34.02
CA ILE B 172 24.64 7.51 -34.72
C ILE B 172 24.63 8.87 -35.40
N ASP B 173 25.69 9.67 -35.18
CA ASP B 173 25.56 11.13 -35.24
C ASP B 173 25.73 11.66 -36.68
N ILE B 174 24.82 11.21 -37.53
CA ILE B 174 24.77 11.61 -38.93
C ILE B 174 24.48 13.11 -39.03
N TYR B 175 23.82 13.68 -38.00
CA TYR B 175 23.41 15.07 -38.02
C TYR B 175 24.66 15.97 -37.95
N ALA B 176 25.51 15.74 -36.95
CA ALA B 176 26.69 16.56 -36.77
C ALA B 176 27.73 16.25 -37.86
N LYS B 177 27.73 15.03 -38.35
CA LYS B 177 28.67 14.64 -39.38
C LYS B 177 28.28 15.27 -40.72
N MET B 178 26.99 15.25 -41.07
CA MET B 178 26.52 15.91 -42.27
C MET B 178 26.79 17.41 -42.17
N ARG B 179 26.67 17.97 -40.96
CA ARG B 179 26.96 19.39 -40.77
C ARG B 179 28.44 19.68 -41.04
N GLU B 180 29.32 18.80 -40.61
CA GLU B 180 30.75 18.95 -40.87
C GLU B 180 31.01 18.96 -42.40
N VAL B 181 30.39 18.04 -43.13
CA VAL B 181 30.46 17.98 -44.58
C VAL B 181 29.98 19.31 -45.16
N PHE B 182 28.81 19.75 -44.68
CA PHE B 182 28.23 21.00 -45.13
C PHE B 182 29.20 22.17 -44.94
N LEU B 183 29.85 22.28 -43.78
CA LEU B 183 30.71 23.40 -43.48
C LEU B 183 31.99 23.36 -44.30
N ALA B 184 32.49 22.16 -44.62
CA ALA B 184 33.65 22.02 -45.49
C ALA B 184 33.34 22.57 -46.90
N ARG B 185 32.16 22.23 -47.42
CA ARG B 185 31.74 22.69 -48.74
C ARG B 185 31.43 24.18 -48.73
N LEU B 186 30.81 24.67 -47.65
CA LEU B 186 30.50 26.09 -47.51
C LEU B 186 31.77 26.93 -47.62
N ALA B 187 32.85 26.46 -46.98
CA ALA B 187 34.13 27.17 -46.95
C ALA B 187 34.76 27.26 -48.34
N GLU B 188 34.41 26.37 -49.27
CA GLU B 188 34.90 26.37 -50.63
C GLU B 188 34.15 27.35 -51.53
N GLN B 189 33.08 27.99 -51.05
CA GLN B 189 32.28 28.87 -51.90
C GLN B 189 32.78 30.30 -51.75
N PRO B 190 32.68 31.12 -52.82
CA PRO B 190 32.89 32.57 -52.73
C PRO B 190 31.88 33.16 -51.76
N GLU B 191 32.23 34.29 -51.10
CA GLU B 191 31.49 34.70 -49.92
C GLU B 191 30.07 35.09 -50.35
N GLU B 192 29.88 35.53 -51.59
CA GLU B 192 28.58 36.01 -52.06
C GLU B 192 27.62 34.84 -52.36
N ARG B 193 28.16 33.62 -52.51
CA ARG B 193 27.40 32.41 -52.82
C ARG B 193 27.19 31.54 -51.58
N ARG B 194 27.68 32.01 -50.42
CA ARG B 194 27.49 31.29 -49.16
C ARG B 194 26.04 31.42 -48.69
N GLU B 195 25.44 30.26 -48.37
CA GLU B 195 24.05 30.18 -47.97
C GLU B 195 23.89 29.04 -46.95
N ASP B 196 23.12 29.28 -45.90
CA ASP B 196 23.01 28.31 -44.81
C ASP B 196 21.57 28.29 -44.32
N PRO B 197 20.76 27.30 -44.75
CA PRO B 197 19.34 27.23 -44.37
C PRO B 197 19.11 27.13 -42.85
N MET B 198 20.08 26.53 -42.15
CA MET B 198 20.00 26.34 -40.71
C MET B 198 20.22 27.68 -40.01
N ALA B 199 21.26 28.41 -40.44
CA ALA B 199 21.53 29.76 -39.95
C ALA B 199 20.39 30.72 -40.28
N ASP B 200 19.82 30.64 -41.48
CA ASP B 200 18.71 31.53 -41.85
C ASP B 200 17.54 31.27 -40.92
N TRP B 201 17.19 29.99 -40.73
CA TRP B 201 16.03 29.62 -39.93
C TRP B 201 16.24 29.97 -38.45
N LEU B 202 17.31 29.43 -37.85
CA LEU B 202 17.50 29.57 -36.42
C LEU B 202 18.02 30.96 -36.06
N GLY B 203 18.92 31.49 -36.92
CA GLY B 203 19.43 32.84 -36.78
C GLY B 203 18.31 33.88 -36.91
N GLY B 204 17.38 33.63 -37.83
CA GLY B 204 16.19 34.46 -37.98
C GLY B 204 15.39 34.56 -36.69
N ILE B 205 15.12 33.41 -36.07
CA ILE B 205 14.35 33.38 -34.83
C ILE B 205 15.14 34.05 -33.72
N LEU B 206 16.44 33.73 -33.61
CA LEU B 206 17.29 34.33 -32.59
C LEU B 206 17.35 35.85 -32.75
N GLY B 207 17.41 36.32 -34.00
CA GLY B 207 17.44 37.75 -34.33
C GLY B 207 16.24 38.49 -33.76
N ARG B 208 15.04 37.93 -33.89
CA ARG B 208 13.84 38.51 -33.32
C ARG B 208 13.91 38.68 -31.81
N TYR B 209 14.79 37.95 -31.10
CA TYR B 209 14.95 38.12 -29.66
C TYR B 209 16.24 38.88 -29.35
N GLY B 210 16.88 39.41 -30.39
CA GLY B 210 18.08 40.22 -30.22
C GLY B 210 19.34 39.39 -30.01
N HIS B 211 19.36 38.16 -30.52
CA HIS B 211 20.55 37.32 -30.38
C HIS B 211 21.08 36.93 -31.75
N THR B 212 22.38 36.62 -31.77
CA THR B 212 23.06 36.15 -32.97
C THR B 212 22.95 34.63 -33.07
N PHE B 213 23.22 34.13 -34.28
CA PHE B 213 23.42 32.71 -34.50
C PHE B 213 24.84 32.36 -34.08
N ASP B 214 25.02 31.14 -33.57
CA ASP B 214 26.32 30.51 -33.42
C ASP B 214 26.16 29.03 -33.79
N GLU B 215 27.24 28.42 -34.27
CA GLU B 215 27.24 27.03 -34.71
C GLU B 215 26.88 26.10 -33.54
N GLU B 216 27.05 26.57 -32.30
CA GLU B 216 26.77 25.71 -31.15
C GLU B 216 25.27 25.46 -31.02
N VAL B 217 24.41 26.23 -31.68
CA VAL B 217 22.97 25.96 -31.66
C VAL B 217 22.63 24.77 -32.57
N VAL B 218 23.58 24.34 -33.40
CA VAL B 218 23.36 23.24 -34.32
C VAL B 218 23.84 21.92 -33.71
N VAL B 219 24.90 21.94 -32.89
CA VAL B 219 25.47 20.71 -32.34
C VAL B 219 25.57 20.74 -30.82
N GLY B 220 25.08 21.81 -30.16
CA GLY B 220 25.15 21.95 -28.73
C GLY B 220 26.52 22.45 -28.27
N GLN B 221 26.60 22.93 -27.03
CA GLN B 221 27.88 23.28 -26.43
C GLN B 221 28.66 22.01 -26.13
N TRP B 222 27.93 20.93 -25.79
CA TRP B 222 28.53 19.60 -25.78
C TRP B 222 27.45 18.59 -26.14
N THR B 223 27.92 17.35 -26.32
CA THR B 223 27.09 16.24 -26.78
C THR B 223 27.19 15.14 -25.72
N ILE B 224 26.02 14.78 -25.16
CA ILE B 224 25.94 13.61 -24.27
C ILE B 224 25.48 12.44 -25.14
N ASP B 225 26.29 11.39 -25.21
CA ASP B 225 26.15 10.39 -26.25
C ASP B 225 25.93 9.00 -25.66
N GLN B 226 24.78 8.40 -26.02
CA GLN B 226 24.39 7.08 -25.55
C GLN B 226 24.86 5.97 -26.50
N ILE B 227 25.49 6.35 -27.62
CA ILE B 227 26.01 5.36 -28.56
C ILE B 227 27.42 4.96 -28.14
N PRO B 228 27.71 3.65 -28.03
CA PRO B 228 29.07 3.20 -27.71
C PRO B 228 30.08 3.77 -28.71
N THR B 229 31.22 4.23 -28.17
CA THR B 229 32.22 4.94 -28.93
C THR B 229 32.61 4.21 -30.22
N SER B 230 32.78 2.88 -30.15
CA SER B 230 33.25 2.08 -31.26
C SER B 230 32.28 2.15 -32.44
N LEU B 231 30.99 2.46 -32.19
CA LEU B 231 30.00 2.45 -33.24
C LEU B 231 29.59 3.86 -33.66
N GLN B 232 30.22 4.88 -33.06
CA GLN B 232 29.83 6.26 -33.29
C GLN B 232 30.80 6.89 -34.28
N LEU B 233 30.30 7.86 -35.07
CA LEU B 233 31.12 8.56 -36.04
C LEU B 233 32.00 9.59 -35.30
N PRO B 234 33.32 9.59 -35.58
CA PRO B 234 34.23 10.53 -34.91
C PRO B 234 34.01 11.97 -35.41
N LEU B 235 34.02 12.92 -34.46
CA LEU B 235 33.61 14.30 -34.73
C LEU B 235 34.41 15.22 -33.85
N SER B 236 34.39 16.51 -34.19
CA SER B 236 34.97 17.59 -33.39
C SER B 236 33.88 18.15 -32.49
N LEU B 237 33.71 17.49 -31.35
CA LEU B 237 32.66 17.84 -30.41
C LEU B 237 33.26 17.69 -29.02
N ARG B 238 32.79 18.45 -28.02
CA ARG B 238 32.95 18.03 -26.62
C ARG B 238 31.93 16.89 -26.38
N ARG B 239 32.44 15.67 -26.17
CA ARG B 239 31.61 14.49 -26.13
C ARG B 239 31.65 13.90 -24.72
N VAL B 240 30.47 13.70 -24.14
CA VAL B 240 30.34 13.01 -22.86
C VAL B 240 29.62 11.71 -23.11
N PRO B 241 30.33 10.56 -23.17
CA PRO B 241 29.68 9.27 -23.30
C PRO B 241 28.89 8.95 -22.03
N VAL B 242 27.73 8.34 -22.21
CA VAL B 242 26.92 7.88 -21.11
C VAL B 242 26.34 6.53 -21.50
N ARG B 243 26.21 5.63 -20.51
CA ARG B 243 25.65 4.31 -20.75
C ARG B 243 24.16 4.41 -21.05
N TYR B 244 23.71 3.76 -22.12
CA TYR B 244 22.30 3.58 -22.39
C TYR B 244 21.70 2.64 -21.34
N LEU B 245 20.63 3.10 -20.69
CA LEU B 245 19.83 2.31 -19.77
C LEU B 245 18.43 2.22 -20.36
N PRO B 246 17.88 1.01 -20.58
CA PRO B 246 16.59 0.89 -21.23
C PRO B 246 15.47 1.62 -20.51
N HIS B 247 14.72 2.43 -21.26
CA HIS B 247 13.39 2.82 -20.87
C HIS B 247 12.48 2.71 -22.09
N ASN B 248 11.45 1.86 -21.93
CA ASN B 248 10.61 1.42 -23.03
C ASN B 248 9.18 1.90 -22.83
N GLY B 249 8.99 2.85 -21.92
CA GLY B 249 7.67 3.38 -21.61
C GLY B 249 7.05 2.66 -20.43
N PRO B 250 5.78 2.97 -20.10
CA PRO B 250 5.14 2.39 -18.91
C PRO B 250 5.13 0.86 -19.02
N SER B 251 5.56 0.18 -17.96
CA SER B 251 5.79 -1.25 -18.07
C SER B 251 5.47 -1.98 -16.77
N GLU B 252 4.93 -3.20 -16.91
CA GLU B 252 4.82 -4.16 -15.83
C GLU B 252 5.24 -5.55 -16.32
N ILE B 253 5.67 -6.38 -15.37
CA ILE B 253 6.06 -7.75 -15.64
C ILE B 253 4.81 -8.63 -15.64
N PRO B 254 4.48 -9.31 -16.76
CA PRO B 254 3.36 -10.26 -16.79
C PRO B 254 3.80 -11.61 -16.25
N ASP B 255 2.81 -12.44 -15.84
CA ASP B 255 3.05 -13.74 -15.21
C ASP B 255 3.78 -14.69 -16.15
N TRP B 256 3.45 -14.64 -17.45
CA TRP B 256 3.96 -15.59 -18.43
C TRP B 256 5.45 -15.43 -18.72
N LEU B 257 6.06 -14.33 -18.27
CA LEU B 257 7.50 -14.18 -18.38
C LEU B 257 8.24 -15.20 -17.49
N ARG B 258 7.67 -15.72 -16.40
CA ARG B 258 8.44 -16.55 -15.49
C ARG B 258 8.95 -17.83 -16.20
N GLU B 259 8.15 -18.32 -17.16
CA GLU B 259 8.39 -19.52 -17.94
C GLU B 259 9.57 -19.33 -18.89
N ALA B 260 10.82 -19.67 -18.48
CA ALA B 260 11.94 -19.70 -19.42
C ALA B 260 11.60 -20.64 -20.60
N PRO B 261 12.15 -20.41 -21.82
CA PRO B 261 11.38 -20.67 -23.05
C PRO B 261 11.25 -22.11 -23.58
N GLY B 262 12.37 -22.86 -23.61
CA GLY B 262 12.36 -24.24 -24.12
C GLY B 262 13.00 -24.36 -25.51
N ARG B 263 13.02 -23.25 -26.23
CA ARG B 263 13.57 -23.16 -27.56
C ARG B 263 13.78 -21.69 -27.89
N PRO B 264 14.58 -21.36 -28.93
CA PRO B 264 14.94 -19.97 -29.22
C PRO B 264 13.72 -19.06 -29.26
N ARG B 265 13.78 -18.01 -28.45
CA ARG B 265 12.73 -16.99 -28.42
C ARG B 265 13.11 -15.88 -29.41
N VAL B 266 12.16 -15.56 -30.28
CA VAL B 266 12.34 -14.56 -31.32
C VAL B 266 11.27 -13.49 -31.13
N VAL B 267 11.71 -12.23 -31.01
CA VAL B 267 10.80 -11.13 -30.74
C VAL B 267 10.75 -10.25 -31.99
N LEU B 268 9.53 -9.82 -32.34
CA LEU B 268 9.28 -8.93 -33.45
C LEU B 268 8.48 -7.72 -32.92
N THR B 269 9.00 -6.51 -33.23
CA THR B 269 8.28 -5.24 -33.04
C THR B 269 8.12 -4.57 -34.40
N SER B 270 6.84 -4.22 -34.63
CA SER B 270 6.31 -3.24 -35.57
C SER B 270 5.54 -2.20 -34.76
N GLY B 271 6.03 -0.95 -34.76
CA GLY B 271 5.31 0.18 -34.16
C GLY B 271 4.53 1.04 -35.15
N VAL B 272 4.21 2.28 -34.76
CA VAL B 272 3.59 3.24 -35.68
C VAL B 272 4.69 4.07 -36.36
N SER B 273 5.92 4.06 -35.82
CA SER B 273 7.12 4.43 -36.55
C SER B 273 7.34 3.47 -37.72
N ALA B 274 7.37 2.16 -37.44
CA ALA B 274 7.52 1.16 -38.49
C ALA B 274 6.51 1.42 -39.61
N ARG B 275 5.22 1.52 -39.26
CA ARG B 275 4.12 1.61 -40.23
C ARG B 275 4.17 2.90 -41.05
N ALA B 276 4.24 4.05 -40.35
CA ALA B 276 4.16 5.36 -40.99
C ALA B 276 5.32 5.59 -41.97
N ALA B 277 6.45 4.88 -41.77
CA ALA B 277 7.70 5.17 -42.47
C ALA B 277 8.05 4.08 -43.49
N LEU B 278 7.69 2.81 -43.23
CA LEU B 278 7.85 1.70 -44.16
C LEU B 278 6.51 1.46 -44.90
N GLY B 279 5.55 2.39 -44.80
CA GLY B 279 4.13 2.05 -44.74
C GLY B 279 3.50 1.53 -46.03
N GLY B 280 3.76 0.25 -46.36
CA GLY B 280 2.81 -0.58 -47.10
C GLY B 280 3.27 -1.02 -48.49
N THR B 281 4.56 -0.89 -48.83
CA THR B 281 5.14 -1.32 -50.11
C THR B 281 5.67 -2.76 -50.04
N PHE B 282 6.11 -3.12 -48.82
CA PHE B 282 7.11 -4.16 -48.57
C PHE B 282 6.43 -5.38 -47.97
N MET B 283 7.20 -6.38 -47.55
CA MET B 283 6.66 -7.62 -47.01
C MET B 283 5.72 -7.32 -45.83
N PRO B 284 4.40 -7.67 -45.90
CA PRO B 284 3.48 -7.42 -44.78
C PRO B 284 3.85 -8.12 -43.48
N VAL B 285 3.44 -7.56 -42.35
CA VAL B 285 3.72 -8.14 -41.05
C VAL B 285 3.04 -9.51 -40.95
N ALA B 286 1.85 -9.65 -41.56
CA ALA B 286 1.12 -10.91 -41.54
C ALA B 286 1.92 -12.04 -42.20
N ASP B 287 2.67 -11.74 -43.26
CA ASP B 287 3.53 -12.70 -43.93
C ASP B 287 4.75 -13.01 -43.05
N MET B 288 5.21 -12.00 -42.30
CA MET B 288 6.34 -12.18 -41.41
C MET B 288 5.97 -13.16 -40.29
N ILE B 289 4.76 -13.00 -39.74
CA ILE B 289 4.25 -13.84 -38.67
C ILE B 289 4.13 -15.29 -39.17
N ASN B 290 3.59 -15.46 -40.38
CA ASN B 290 3.37 -16.79 -40.96
C ASN B 290 4.70 -17.49 -41.20
N THR B 291 5.71 -16.76 -41.71
CA THR B 291 7.04 -17.33 -41.87
C THR B 291 7.60 -17.81 -40.53
N LEU B 292 7.54 -16.94 -39.52
CA LEU B 292 8.11 -17.26 -38.23
C LEU B 292 7.28 -18.38 -37.58
N GLY B 293 5.98 -18.41 -37.87
CA GLY B 293 5.05 -19.43 -37.40
C GLY B 293 5.38 -20.86 -37.88
N SER B 294 6.20 -20.98 -38.93
CA SER B 294 6.58 -22.28 -39.45
C SER B 294 7.91 -22.75 -38.84
N MET B 295 8.50 -22.00 -37.90
CA MET B 295 9.83 -22.33 -37.41
C MET B 295 9.75 -22.94 -36.02
N ASP B 296 10.82 -23.66 -35.62
CA ASP B 296 10.88 -24.26 -34.29
C ASP B 296 11.44 -23.22 -33.31
N ILE B 297 10.62 -22.21 -33.05
CA ILE B 297 10.94 -21.09 -32.17
C ILE B 297 9.68 -20.71 -31.38
N ASP B 298 9.91 -19.99 -30.27
CA ASP B 298 8.85 -19.22 -29.60
C ASP B 298 8.87 -17.78 -30.10
N VAL B 299 7.72 -17.28 -30.55
CA VAL B 299 7.62 -15.96 -31.12
C VAL B 299 6.76 -15.09 -30.20
N VAL B 300 7.29 -13.89 -29.89
CA VAL B 300 6.46 -12.84 -29.30
C VAL B 300 6.45 -11.66 -30.28
N ALA B 301 5.24 -11.27 -30.73
CA ALA B 301 5.10 -10.16 -31.63
C ALA B 301 4.29 -9.06 -30.94
N ALA B 302 4.94 -7.91 -30.75
CA ALA B 302 4.28 -6.67 -30.31
C ALA B 302 3.77 -5.90 -31.53
N LEU B 303 2.43 -5.84 -31.67
CA LEU B 303 1.73 -5.28 -32.83
C LEU B 303 0.67 -4.26 -32.39
N PRO B 304 0.47 -3.16 -33.17
CA PRO B 304 -0.64 -2.24 -32.93
C PRO B 304 -1.97 -2.86 -33.35
N PRO B 305 -3.13 -2.30 -32.91
CA PRO B 305 -4.41 -2.99 -33.04
C PRO B 305 -4.90 -3.25 -34.47
N GLU B 306 -4.41 -2.47 -35.44
CA GLU B 306 -4.83 -2.63 -36.83
C GLU B 306 -4.05 -3.74 -37.52
N GLU B 307 -2.78 -3.90 -37.16
CA GLU B 307 -1.96 -5.01 -37.61
C GLU B 307 -2.52 -6.35 -37.11
N VAL B 308 -3.13 -6.32 -35.91
CA VAL B 308 -3.66 -7.52 -35.27
C VAL B 308 -4.90 -8.01 -36.02
N GLU B 309 -5.83 -7.10 -36.37
CA GLU B 309 -7.07 -7.43 -37.08
C GLU B 309 -6.79 -8.10 -38.43
N ALA B 310 -5.93 -7.45 -39.22
CA ALA B 310 -5.63 -7.89 -40.58
C ALA B 310 -4.67 -9.09 -40.55
N LEU B 311 -5.21 -10.24 -40.10
CA LEU B 311 -4.41 -11.39 -39.70
C LEU B 311 -5.40 -12.53 -39.49
N GLU B 312 -5.32 -13.60 -40.28
CA GLU B 312 -6.36 -14.63 -40.24
C GLU B 312 -6.21 -15.46 -38.97
N LYS B 313 -5.22 -16.35 -38.95
CA LYS B 313 -4.96 -17.26 -37.86
C LYS B 313 -3.72 -16.74 -37.11
N VAL B 314 -3.56 -17.09 -35.83
CA VAL B 314 -2.33 -16.83 -35.12
C VAL B 314 -1.57 -18.14 -35.00
N PRO B 315 -0.36 -18.30 -35.55
CA PRO B 315 0.39 -19.54 -35.45
C PRO B 315 0.56 -20.05 -34.03
N ALA B 316 0.76 -21.37 -33.88
CA ALA B 316 0.74 -22.01 -32.57
C ALA B 316 1.92 -21.52 -31.72
N ASN B 317 3.05 -21.17 -32.36
CA ASN B 317 4.28 -20.85 -31.63
C ASN B 317 4.36 -19.36 -31.28
N THR B 318 3.28 -18.60 -31.55
CA THR B 318 3.31 -17.16 -31.53
C THR B 318 2.33 -16.63 -30.48
N ARG B 319 2.84 -15.71 -29.64
CA ARG B 319 2.02 -14.87 -28.81
C ARG B 319 2.05 -13.43 -29.36
N ILE B 320 0.85 -12.85 -29.44
CA ILE B 320 0.63 -11.49 -29.86
C ILE B 320 0.25 -10.64 -28.64
N VAL B 321 0.94 -9.49 -28.52
CA VAL B 321 0.74 -8.55 -27.42
C VAL B 321 0.56 -7.15 -28.02
N ASP B 322 -0.16 -6.32 -27.24
CA ASP B 322 -0.27 -4.91 -27.54
C ASP B 322 1.07 -4.27 -27.15
N PHE B 323 1.47 -4.54 -25.91
CA PHE B 323 2.73 -4.02 -25.42
C PHE B 323 3.35 -5.05 -24.48
N VAL B 324 4.67 -5.23 -24.58
CA VAL B 324 5.41 -5.88 -23.51
C VAL B 324 6.76 -5.20 -23.36
N PRO B 325 7.22 -4.91 -22.13
CA PRO B 325 8.51 -4.28 -21.89
C PRO B 325 9.69 -5.15 -22.38
N LEU B 326 10.27 -4.63 -23.45
CA LEU B 326 11.48 -5.19 -24.03
C LEU B 326 12.57 -5.42 -22.99
N HIS B 327 12.77 -4.59 -21.95
CA HIS B 327 13.82 -4.83 -20.97
C HIS B 327 13.56 -6.12 -20.18
N ALA B 328 12.28 -6.42 -19.95
CA ALA B 328 11.90 -7.65 -19.26
C ALA B 328 11.95 -8.85 -20.22
N LEU B 329 11.61 -8.60 -21.48
CA LEU B 329 11.44 -9.69 -22.44
C LEU B 329 12.76 -10.18 -23.01
N LEU B 330 13.77 -9.33 -23.18
CA LEU B 330 14.90 -9.70 -24.04
C LEU B 330 15.94 -10.52 -23.29
N PRO B 331 16.07 -10.55 -21.94
CA PRO B 331 17.03 -11.47 -21.32
C PRO B 331 16.73 -12.91 -21.76
N GLY B 332 17.73 -13.63 -22.26
CA GLY B 332 17.53 -15.00 -22.73
C GLY B 332 16.89 -15.13 -24.13
N ALA B 333 16.34 -14.05 -24.69
CA ALA B 333 15.83 -14.10 -26.06
C ALA B 333 16.99 -14.30 -27.03
N SER B 334 16.67 -14.81 -28.22
CA SER B 334 17.72 -15.17 -29.18
C SER B 334 17.85 -14.11 -30.28
N VAL B 335 16.72 -13.53 -30.70
CA VAL B 335 16.71 -12.57 -31.79
C VAL B 335 15.66 -11.49 -31.52
N LEU B 336 16.02 -10.24 -31.82
CA LEU B 336 15.02 -9.17 -31.96
C LEU B 336 14.99 -8.71 -33.41
N ILE B 337 13.77 -8.66 -33.97
CA ILE B 337 13.54 -8.16 -35.32
C ILE B 337 12.83 -6.83 -35.20
N HIS B 338 13.42 -5.77 -35.80
CA HIS B 338 12.85 -4.43 -35.66
C HIS B 338 13.45 -3.52 -36.72
N HIS B 339 12.97 -2.25 -36.77
CA HIS B 339 13.25 -1.31 -37.86
C HIS B 339 14.48 -0.45 -37.59
N GLY B 340 15.08 -0.53 -36.40
CA GLY B 340 16.33 0.16 -36.09
C GLY B 340 16.17 1.38 -35.16
N GLY B 341 14.97 1.56 -34.59
CA GLY B 341 14.73 2.49 -33.50
C GLY B 341 15.66 2.24 -32.31
N PHE B 342 15.98 3.32 -31.57
CA PHE B 342 17.04 3.22 -30.57
C PHE B 342 16.58 2.43 -29.34
N GLY B 343 15.30 2.53 -28.97
CA GLY B 343 14.79 1.81 -27.81
C GLY B 343 15.02 0.30 -27.94
N SER B 344 14.63 -0.24 -29.11
CA SER B 344 14.83 -1.64 -29.44
C SER B 344 16.32 -1.97 -29.58
N TRP B 345 17.03 -1.16 -30.37
CA TRP B 345 18.43 -1.38 -30.63
C TRP B 345 19.23 -1.41 -29.33
N GLY B 346 19.02 -0.39 -28.50
CA GLY B 346 19.76 -0.24 -27.26
C GLY B 346 19.40 -1.33 -26.24
N THR B 347 18.11 -1.69 -26.17
CA THR B 347 17.67 -2.65 -25.16
C THR B 347 18.18 -4.06 -25.53
N ALA B 348 18.14 -4.40 -26.83
CA ALA B 348 18.74 -5.62 -27.32
C ALA B 348 20.25 -5.60 -27.05
N LEU B 349 20.88 -4.45 -27.28
CA LEU B 349 22.32 -4.36 -27.14
C LEU B 349 22.74 -4.64 -25.70
N VAL B 350 22.03 -4.09 -24.70
CA VAL B 350 22.45 -4.25 -23.32
C VAL B 350 22.15 -5.68 -22.86
N ASN B 351 21.27 -6.40 -23.56
CA ASN B 351 20.95 -7.77 -23.22
C ASN B 351 21.78 -8.76 -24.07
N GLY B 352 22.65 -8.27 -24.96
CA GLY B 352 23.46 -9.12 -25.81
C GLY B 352 22.65 -9.92 -26.84
N VAL B 353 21.45 -9.46 -27.22
CA VAL B 353 20.58 -10.17 -28.13
C VAL B 353 20.87 -9.77 -29.58
N PRO B 354 21.23 -10.73 -30.47
CA PRO B 354 21.41 -10.47 -31.89
C PRO B 354 20.16 -9.87 -32.51
N GLN B 355 20.40 -8.94 -33.44
CA GLN B 355 19.31 -8.16 -34.01
C GLN B 355 19.26 -8.40 -35.52
N PHE B 356 18.03 -8.48 -36.02
CA PHE B 356 17.77 -8.49 -37.45
C PHE B 356 16.95 -7.24 -37.77
N ILE B 357 17.51 -6.41 -38.65
CA ILE B 357 16.98 -5.07 -38.89
C ILE B 357 16.69 -4.92 -40.38
N PRO B 358 15.45 -5.24 -40.82
CA PRO B 358 14.99 -4.90 -42.16
C PRO B 358 14.44 -3.49 -42.16
N THR B 359 15.10 -2.57 -42.87
CA THR B 359 14.79 -1.15 -42.70
C THR B 359 15.14 -0.35 -43.95
N ILE B 360 14.98 0.98 -43.82
CA ILE B 360 15.19 1.93 -44.89
C ILE B 360 16.19 3.00 -44.47
N ARG B 361 16.62 3.84 -45.43
CA ARG B 361 17.54 4.94 -45.12
C ARG B 361 16.74 6.14 -44.62
N TYR B 362 16.16 5.97 -43.42
CA TYR B 362 15.44 7.00 -42.70
C TYR B 362 16.10 7.23 -41.35
N ALA B 363 16.22 8.50 -40.95
CA ALA B 363 17.00 8.85 -39.77
C ALA B 363 18.33 8.09 -39.80
N ASP B 364 18.71 7.45 -38.68
CA ASP B 364 19.95 6.69 -38.62
C ASP B 364 19.67 5.19 -38.65
N TRP B 365 18.45 4.80 -39.05
CA TRP B 365 18.03 3.41 -38.94
C TRP B 365 18.96 2.48 -39.71
N TRP B 366 19.37 2.90 -40.91
CA TRP B 366 20.23 2.10 -41.75
C TRP B 366 21.59 1.91 -41.08
N ASN B 367 22.11 2.99 -40.48
CA ASN B 367 23.36 2.97 -39.76
C ASN B 367 23.27 2.07 -38.53
N LYS B 368 22.10 2.06 -37.89
CA LYS B 368 21.87 1.21 -36.74
C LYS B 368 22.03 -0.26 -37.17
N GLY B 369 21.44 -0.59 -38.32
CA GLY B 369 21.59 -1.92 -38.92
C GLY B 369 23.02 -2.25 -39.36
N THR B 370 23.60 -1.35 -40.15
CA THR B 370 24.91 -1.53 -40.76
C THR B 370 25.99 -1.64 -39.69
N SER B 371 25.90 -0.82 -38.63
CA SER B 371 26.89 -0.83 -37.57
C SER B 371 26.99 -2.24 -36.96
N LEU B 372 25.85 -2.88 -36.69
CA LEU B 372 25.82 -4.21 -36.12
C LEU B 372 26.29 -5.25 -37.14
N HIS B 373 25.83 -5.11 -38.39
CA HIS B 373 26.21 -5.99 -39.47
C HIS B 373 27.74 -6.05 -39.62
N GLU B 374 28.39 -4.88 -39.73
CA GLU B 374 29.84 -4.81 -39.89
C GLU B 374 30.55 -5.40 -38.68
N ALA B 375 29.97 -5.30 -37.49
CA ALA B 375 30.60 -5.81 -36.28
C ALA B 375 30.38 -7.32 -36.14
N GLY B 376 29.50 -7.88 -37.00
CA GLY B 376 29.17 -9.30 -36.93
C GLY B 376 28.22 -9.65 -35.80
N ALA B 377 27.51 -8.64 -35.25
CA ALA B 377 26.63 -8.83 -34.10
C ALA B 377 25.17 -9.01 -34.51
N GLY B 378 24.85 -8.67 -35.77
CA GLY B 378 23.47 -8.75 -36.25
C GLY B 378 23.46 -8.69 -37.78
N LEU B 379 22.26 -8.61 -38.35
CA LEU B 379 22.06 -8.56 -39.79
C LEU B 379 21.13 -7.40 -40.14
N VAL B 380 21.50 -6.66 -41.20
CA VAL B 380 20.64 -5.64 -41.78
C VAL B 380 20.31 -6.06 -43.21
N VAL B 381 19.09 -5.72 -43.65
CA VAL B 381 18.72 -5.84 -45.05
C VAL B 381 17.78 -4.68 -45.35
N HIS B 382 17.77 -4.22 -46.61
CA HIS B 382 16.79 -3.21 -47.00
C HIS B 382 15.41 -3.86 -46.99
N ALA B 383 14.42 -3.11 -46.46
CA ALA B 383 13.07 -3.59 -46.32
C ALA B 383 12.50 -4.13 -47.64
N SER B 384 12.89 -3.49 -48.74
CA SER B 384 12.38 -3.81 -50.07
C SER B 384 12.84 -5.20 -50.52
N GLU B 385 13.98 -5.66 -49.99
CA GLU B 385 14.53 -6.96 -50.34
C GLU B 385 14.07 -8.08 -49.39
N LEU B 386 13.13 -7.80 -48.49
CA LEU B 386 12.81 -8.78 -47.46
C LEU B 386 11.80 -9.78 -48.03
N THR B 387 12.20 -11.06 -47.99
CA THR B 387 11.34 -12.18 -48.38
C THR B 387 11.25 -13.17 -47.23
N ALA B 388 10.30 -14.11 -47.35
CA ALA B 388 10.19 -15.24 -46.43
C ALA B 388 11.51 -15.99 -46.33
N GLU B 389 12.23 -16.15 -47.44
CA GLU B 389 13.47 -16.93 -47.42
C GLU B 389 14.57 -16.16 -46.70
N VAL B 390 14.68 -14.84 -46.91
CA VAL B 390 15.70 -14.02 -46.24
C VAL B 390 15.40 -13.95 -44.73
N LEU B 391 14.13 -13.72 -44.38
CA LEU B 391 13.70 -13.71 -42.99
C LEU B 391 14.11 -15.01 -42.27
N ARG B 392 13.71 -16.15 -42.85
CA ARG B 392 13.96 -17.47 -42.29
C ARG B 392 15.46 -17.70 -42.16
N GLU B 393 16.21 -17.41 -43.23
CA GLU B 393 17.63 -17.73 -43.25
C GLU B 393 18.38 -16.86 -42.26
N SER B 394 18.01 -15.57 -42.16
CA SER B 394 18.65 -14.62 -41.26
C SER B 394 18.44 -15.04 -39.81
N VAL B 395 17.19 -15.38 -39.45
CA VAL B 395 16.90 -15.81 -38.09
C VAL B 395 17.70 -17.09 -37.75
N GLU B 396 17.69 -18.07 -38.68
CA GLU B 396 18.41 -19.32 -38.48
C GLU B 396 19.89 -19.02 -38.18
N ARG B 397 20.47 -18.10 -38.98
CA ARG B 397 21.88 -17.79 -38.87
C ARG B 397 22.19 -17.14 -37.52
N LEU B 398 21.31 -16.24 -37.03
CA LEU B 398 21.54 -15.52 -35.78
C LEU B 398 21.37 -16.46 -34.59
N VAL B 399 20.49 -17.47 -34.74
CA VAL B 399 20.32 -18.49 -33.71
C VAL B 399 21.50 -19.46 -33.71
N GLU B 400 21.90 -19.98 -34.88
CA GLU B 400 22.80 -21.12 -34.94
C GLU B 400 24.26 -20.69 -34.88
N ASP B 401 24.62 -19.64 -35.61
CA ASP B 401 26.00 -19.19 -35.69
C ASP B 401 26.34 -18.37 -34.44
N ALA B 402 27.23 -18.92 -33.63
CA ALA B 402 27.53 -18.41 -32.29
C ALA B 402 28.33 -17.10 -32.34
N SER B 403 28.89 -16.79 -33.51
CA SER B 403 29.73 -15.60 -33.67
C SER B 403 28.90 -14.32 -33.52
N TYR B 404 27.59 -14.41 -33.81
CA TYR B 404 26.67 -13.30 -33.63
C TYR B 404 26.50 -12.97 -32.14
N ARG B 405 26.12 -13.95 -31.32
CA ARG B 405 26.04 -13.77 -29.88
C ARG B 405 27.36 -13.26 -29.32
N GLU B 406 28.49 -13.75 -29.82
CA GLU B 406 29.79 -13.36 -29.27
C GLU B 406 30.07 -11.89 -29.55
N ALA B 407 29.78 -11.44 -30.78
CA ALA B 407 29.97 -10.05 -31.17
C ALA B 407 28.99 -9.14 -30.40
N ALA B 408 27.73 -9.58 -30.25
CA ALA B 408 26.74 -8.87 -29.46
C ALA B 408 27.19 -8.71 -28.01
N GLU B 409 27.84 -9.75 -27.49
CA GLU B 409 28.29 -9.78 -26.11
C GLU B 409 29.41 -8.77 -25.92
N ARG B 410 30.28 -8.62 -26.92
CA ARG B 410 31.34 -7.63 -26.84
C ARG B 410 30.77 -6.21 -26.78
N LEU B 411 29.69 -5.94 -27.54
CA LEU B 411 29.05 -4.64 -27.53
C LEU B 411 28.38 -4.38 -26.18
N ARG B 412 27.70 -5.42 -25.66
CA ARG B 412 27.15 -5.37 -24.33
C ARG B 412 28.21 -4.93 -23.32
N GLU B 413 29.39 -5.54 -23.39
CA GLU B 413 30.47 -5.26 -22.46
C GLU B 413 30.99 -3.83 -22.65
N GLU B 414 31.02 -3.36 -23.90
CA GLU B 414 31.44 -1.99 -24.17
C GLU B 414 30.48 -1.01 -23.51
N ASN B 415 29.17 -1.22 -23.68
CA ASN B 415 28.16 -0.39 -23.04
C ASN B 415 28.36 -0.39 -21.52
N GLN B 416 28.62 -1.58 -20.96
CA GLN B 416 28.70 -1.78 -19.51
C GLN B 416 29.94 -1.09 -18.95
N ARG B 417 30.97 -0.84 -19.78
CA ARG B 417 32.13 -0.09 -19.31
C ARG B 417 31.90 1.42 -19.39
N THR B 418 30.83 1.87 -20.09
CA THR B 418 30.57 3.29 -20.17
C THR B 418 30.02 3.78 -18.82
N PRO B 419 30.47 4.95 -18.33
CA PRO B 419 29.89 5.57 -17.14
C PRO B 419 28.37 5.74 -17.26
N THR B 420 27.69 5.53 -16.14
CA THR B 420 26.25 5.68 -16.04
C THR B 420 25.84 7.13 -16.03
N PRO B 421 24.54 7.41 -16.28
CA PRO B 421 23.97 8.74 -15.98
C PRO B 421 24.39 9.28 -14.62
N HIS B 422 24.29 8.44 -13.59
CA HIS B 422 24.77 8.77 -12.25
C HIS B 422 26.20 9.32 -12.31
N ASP B 423 27.11 8.58 -12.96
CA ASP B 423 28.51 8.95 -13.00
C ASP B 423 28.74 10.25 -13.76
N VAL B 424 27.91 10.58 -14.78
CA VAL B 424 28.18 11.77 -15.56
C VAL B 424 27.50 13.00 -14.97
N VAL B 425 26.70 12.86 -13.91
CA VAL B 425 26.05 14.00 -13.30
C VAL B 425 27.06 15.12 -13.00
N PRO B 426 28.17 14.87 -12.26
CA PRO B 426 29.13 15.92 -11.94
C PRO B 426 29.79 16.57 -13.17
N VAL B 427 30.04 15.79 -14.23
CA VAL B 427 30.55 16.30 -15.49
C VAL B 427 29.57 17.32 -16.08
N ILE B 428 28.27 17.00 -16.06
CA ILE B 428 27.25 17.89 -16.57
C ILE B 428 27.16 19.16 -15.73
N GLU B 429 27.31 19.02 -14.40
CA GLU B 429 27.33 20.16 -13.49
C GLU B 429 28.49 21.09 -13.83
N GLU B 430 29.70 20.54 -14.02
CA GLU B 430 30.89 21.33 -14.31
C GLU B 430 30.75 22.02 -15.67
N LEU B 431 30.27 21.30 -16.68
CA LEU B 431 30.11 21.87 -18.02
C LEU B 431 29.09 23.00 -18.00
N THR B 432 28.04 22.86 -17.15
CA THR B 432 27.03 23.89 -17.05
C THR B 432 27.62 25.16 -16.43
N ALA B 433 28.45 24.99 -15.38
CA ALA B 433 29.12 26.10 -14.73
C ALA B 433 30.05 26.81 -15.72
N GLU B 434 30.80 26.03 -16.51
CA GLU B 434 31.72 26.57 -17.49
C GLU B 434 30.99 27.35 -18.59
N HIS B 435 29.87 26.85 -19.11
CA HIS B 435 29.31 27.36 -20.36
C HIS B 435 28.09 28.25 -20.11
N GLY B 436 27.49 28.21 -18.92
CA GLY B 436 26.21 28.90 -18.76
C GLY B 436 26.42 30.36 -18.33
N ARG B 437 25.35 30.99 -17.84
CA ARG B 437 25.41 32.28 -17.18
C ARG B 437 26.52 32.36 -16.10
N HIS C 20 -14.76 -41.60 44.08
CA HIS C 20 -14.54 -40.22 44.61
C HIS C 20 -13.71 -39.43 43.61
N MET C 21 -14.21 -38.27 43.16
CA MET C 21 -13.51 -37.42 42.21
C MET C 21 -13.15 -36.10 42.88
N ARG C 22 -12.04 -35.52 42.41
CA ARG C 22 -11.76 -34.11 42.60
C ARG C 22 -12.16 -33.38 41.33
N ILE C 23 -13.05 -32.39 41.49
CA ILE C 23 -13.64 -31.68 40.37
C ILE C 23 -13.32 -30.20 40.53
N LEU C 24 -12.67 -29.64 39.52
CA LEU C 24 -12.32 -28.23 39.50
C LEU C 24 -13.25 -27.50 38.54
N PHE C 25 -14.04 -26.56 39.09
CA PHE C 25 -14.81 -25.63 38.28
C PHE C 25 -13.91 -24.43 37.99
N ALA C 26 -13.99 -23.95 36.74
CA ALA C 26 -13.24 -22.76 36.34
C ALA C 26 -14.16 -21.80 35.61
N THR C 27 -14.13 -20.53 36.06
CA THR C 27 -14.91 -19.49 35.42
C THR C 27 -14.12 -18.17 35.45
N VAL C 28 -14.34 -17.41 34.38
CA VAL C 28 -13.98 -16.00 34.32
C VAL C 28 -14.67 -15.30 35.47
N SER C 29 -14.13 -14.13 35.84
CA SER C 29 -14.60 -13.42 37.03
C SER C 29 -15.85 -12.60 36.67
N GLU C 30 -16.93 -13.30 36.28
CA GLU C 30 -18.26 -12.71 36.21
C GLU C 30 -19.17 -13.45 37.19
N LYS C 31 -19.76 -12.74 38.17
CA LYS C 31 -20.70 -13.37 39.08
C LYS C 31 -21.86 -13.99 38.30
N SER C 32 -22.30 -13.33 37.22
CA SER C 32 -23.43 -13.79 36.43
C SER C 32 -23.15 -15.16 35.83
N HIS C 33 -21.91 -15.38 35.37
CA HIS C 33 -21.49 -16.68 34.84
C HIS C 33 -21.38 -17.70 35.98
N LEU C 34 -20.71 -17.35 37.08
CA LEU C 34 -20.55 -18.22 38.24
C LEU C 34 -21.89 -18.78 38.70
N PHE C 35 -22.91 -17.93 38.85
CA PHE C 35 -24.19 -18.33 39.40
C PHE C 35 -24.86 -19.41 38.56
N THR C 36 -24.58 -19.44 37.25
CA THR C 36 -25.20 -20.43 36.38
C THR C 36 -24.64 -21.84 36.64
N MET C 37 -23.49 -21.92 37.32
CA MET C 37 -22.77 -23.18 37.48
C MET C 37 -23.04 -23.80 38.86
N VAL C 38 -23.71 -23.04 39.75
CA VAL C 38 -23.76 -23.42 41.16
C VAL C 38 -24.57 -24.72 41.35
N PRO C 39 -25.78 -24.87 40.76
CA PRO C 39 -26.54 -26.10 40.94
C PRO C 39 -25.80 -27.36 40.49
N LEU C 40 -25.06 -27.30 39.37
CA LEU C 40 -24.35 -28.47 38.91
C LEU C 40 -23.20 -28.79 39.87
N ALA C 41 -22.47 -27.76 40.30
CA ALA C 41 -21.38 -27.93 41.25
C ALA C 41 -21.91 -28.61 42.51
N TRP C 42 -23.05 -28.13 43.05
CA TRP C 42 -23.61 -28.73 44.25
C TRP C 42 -24.16 -30.13 44.00
N SER C 43 -24.64 -30.43 42.78
CA SER C 43 -25.13 -31.77 42.48
C SER C 43 -23.96 -32.77 42.63
N LEU C 44 -22.76 -32.36 42.20
CA LEU C 44 -21.61 -33.22 42.21
C LEU C 44 -21.07 -33.37 43.64
N ALA C 45 -21.07 -32.26 44.39
CA ALA C 45 -20.67 -32.28 45.78
C ALA C 45 -21.61 -33.18 46.59
N ALA C 46 -22.91 -33.15 46.27
CA ALA C 46 -23.92 -33.92 46.97
C ALA C 46 -23.75 -35.43 46.71
N ALA C 47 -23.09 -35.78 45.60
CA ALA C 47 -22.80 -37.17 45.29
C ALA C 47 -21.46 -37.61 45.88
N GLY C 48 -20.83 -36.75 46.70
CA GLY C 48 -19.67 -37.14 47.47
C GLY C 48 -18.34 -36.68 46.88
N HIS C 49 -18.37 -36.00 45.71
CA HIS C 49 -17.14 -35.52 45.10
C HIS C 49 -16.69 -34.23 45.77
N GLU C 50 -15.37 -33.97 45.72
CA GLU C 50 -14.83 -32.68 46.14
C GLU C 50 -14.90 -31.69 44.98
N VAL C 51 -15.52 -30.53 45.22
CA VAL C 51 -15.70 -29.54 44.18
C VAL C 51 -15.08 -28.23 44.64
N HIS C 52 -14.09 -27.74 43.88
CA HIS C 52 -13.43 -26.48 44.12
C HIS C 52 -13.65 -25.57 42.92
N VAL C 53 -13.84 -24.28 43.19
CA VAL C 53 -14.17 -23.33 42.15
C VAL C 53 -13.05 -22.29 42.06
N ALA C 54 -12.40 -22.24 40.88
CA ALA C 54 -11.29 -21.33 40.67
C ALA C 54 -11.70 -20.16 39.77
N SER C 55 -11.28 -18.97 40.18
CA SER C 55 -11.37 -17.75 39.38
C SER C 55 -10.38 -16.72 39.93
N ASN C 56 -10.34 -15.55 39.27
CA ASN C 56 -9.54 -14.41 39.71
C ASN C 56 -10.00 -13.96 41.11
N PRO C 57 -9.11 -13.28 41.88
CA PRO C 57 -9.46 -12.82 43.23
C PRO C 57 -10.75 -12.00 43.36
N ALA C 58 -11.12 -11.25 42.33
CA ALA C 58 -12.33 -10.45 42.39
C ALA C 58 -13.57 -11.31 42.62
N LEU C 59 -13.55 -12.61 42.26
CA LEU C 59 -14.72 -13.46 42.37
C LEU C 59 -14.75 -14.24 43.70
N THR C 60 -13.69 -14.17 44.50
CA THR C 60 -13.56 -15.02 45.68
C THR C 60 -14.77 -14.86 46.61
N ALA C 61 -15.18 -13.63 46.90
CA ALA C 61 -16.27 -13.40 47.82
C ALA C 61 -17.57 -14.03 47.28
N SER C 62 -17.81 -13.89 45.97
CA SER C 62 -18.98 -14.47 45.34
C SER C 62 -18.98 -16.00 45.45
N ILE C 63 -17.82 -16.62 45.20
CA ILE C 63 -17.75 -18.07 45.28
C ILE C 63 -18.09 -18.52 46.71
N LYS C 64 -17.56 -17.82 47.71
CA LYS C 64 -17.69 -18.21 49.10
C LYS C 64 -19.14 -18.17 49.57
N SER C 65 -19.96 -17.27 48.98
CA SER C 65 -21.37 -17.19 49.33
C SER C 65 -22.23 -18.22 48.59
N THR C 66 -21.63 -19.08 47.76
CA THR C 66 -22.34 -20.19 47.12
C THR C 66 -22.30 -21.45 47.98
N GLY C 67 -21.48 -21.44 49.04
CA GLY C 67 -21.24 -22.62 49.85
C GLY C 67 -20.06 -23.45 49.34
N LEU C 68 -19.57 -23.13 48.14
CA LEU C 68 -18.48 -23.89 47.52
C LEU C 68 -17.13 -23.30 47.92
N THR C 69 -16.11 -24.15 47.92
CA THR C 69 -14.75 -23.74 48.25
C THR C 69 -14.13 -22.97 47.08
N ALA C 70 -13.65 -21.76 47.38
CA ALA C 70 -13.04 -20.87 46.42
C ALA C 70 -11.54 -21.10 46.33
N VAL C 71 -11.00 -21.03 45.11
CA VAL C 71 -9.56 -21.07 44.89
C VAL C 71 -9.17 -19.83 44.08
N PRO C 72 -8.70 -18.74 44.73
CA PRO C 72 -8.27 -17.55 44.00
C PRO C 72 -7.02 -17.87 43.17
N VAL C 73 -7.02 -17.51 41.89
CA VAL C 73 -5.87 -17.76 41.03
C VAL C 73 -5.55 -16.49 40.26
N GLY C 74 -4.24 -16.18 40.19
CA GLY C 74 -3.75 -15.13 39.32
C GLY C 74 -4.15 -13.74 39.81
N LYS C 75 -4.30 -12.81 38.88
CA LYS C 75 -4.63 -11.43 39.20
C LYS C 75 -5.86 -11.01 38.41
N ASP C 76 -6.41 -9.85 38.79
CA ASP C 76 -7.60 -9.31 38.15
C ASP C 76 -7.21 -8.62 36.85
N HIS C 77 -8.18 -8.51 35.94
CA HIS C 77 -7.99 -8.05 34.58
C HIS C 77 -8.71 -6.70 34.43
N ASN C 78 -8.52 -6.03 33.29
CA ASN C 78 -9.03 -4.68 33.06
C ASN C 78 -10.08 -4.70 31.94
N LEU C 79 -10.68 -5.87 31.66
CA LEU C 79 -11.77 -5.90 30.69
C LEU C 79 -12.89 -4.97 31.13
N HIS C 80 -13.21 -4.90 32.44
CA HIS C 80 -14.36 -4.15 32.90
C HIS C 80 -14.16 -2.65 32.72
N GLU C 81 -12.94 -2.15 32.97
CA GLU C 81 -12.59 -0.76 32.74
C GLU C 81 -12.67 -0.45 31.23
N MET C 82 -12.12 -1.34 30.39
CA MET C 82 -12.22 -1.04 28.97
C MET C 82 -13.66 -1.34 28.54
N GLU C 91 -20.98 -2.96 20.65
CA GLU C 91 -21.72 -3.53 19.50
C GLU C 91 -21.10 -2.96 18.22
N ASN C 92 -20.37 -3.80 17.48
CA ASN C 92 -19.97 -3.50 16.12
C ASN C 92 -19.98 -4.80 15.32
N PRO C 93 -19.85 -4.81 13.98
CA PRO C 93 -19.94 -6.04 13.20
C PRO C 93 -19.03 -7.18 13.64
N LEU C 94 -17.83 -6.87 14.17
CA LEU C 94 -16.83 -7.86 14.54
C LEU C 94 -17.14 -8.52 15.89
N SER C 95 -17.99 -7.88 16.70
CA SER C 95 -18.41 -8.44 17.98
C SER C 95 -19.76 -9.15 17.84
N ASP C 96 -20.32 -9.14 16.64
CA ASP C 96 -21.65 -9.67 16.41
C ASP C 96 -21.53 -11.12 15.97
N TRP C 97 -21.75 -12.06 16.89
CA TRP C 97 -21.75 -13.47 16.56
C TRP C 97 -23.17 -14.02 16.55
N SER C 98 -24.17 -13.14 16.34
CA SER C 98 -25.58 -13.49 16.51
C SER C 98 -26.10 -14.41 15.41
N THR C 99 -25.47 -14.41 14.23
CA THR C 99 -25.89 -15.26 13.11
C THR C 99 -24.67 -16.01 12.59
N PRO C 100 -24.16 -17.00 13.36
CA PRO C 100 -23.00 -17.79 12.96
C PRO C 100 -23.31 -18.81 11.86
N GLU C 101 -23.38 -18.33 10.62
CA GLU C 101 -23.79 -19.15 9.48
C GLU C 101 -22.75 -19.01 8.37
N LEU C 102 -22.44 -20.14 7.69
CA LEU C 102 -21.55 -20.18 6.55
C LEU C 102 -21.90 -19.10 5.54
N ASP C 103 -23.20 -19.04 5.19
CA ASP C 103 -23.71 -18.10 4.19
C ASP C 103 -23.39 -16.65 4.55
N ARG C 104 -23.07 -16.33 5.81
CA ARG C 104 -22.83 -14.94 6.16
C ARG C 104 -21.37 -14.68 6.48
N HIS C 105 -20.49 -15.68 6.26
CA HIS C 105 -19.10 -15.60 6.65
C HIS C 105 -18.21 -16.15 5.52
N SER C 106 -17.48 -15.24 4.87
CA SER C 106 -16.29 -15.62 4.12
C SER C 106 -15.23 -16.10 5.11
N TRP C 107 -14.18 -16.72 4.59
CA TRP C 107 -13.03 -17.08 5.40
C TRP C 107 -12.52 -15.88 6.20
N GLU C 108 -12.38 -14.73 5.54
CA GLU C 108 -11.72 -13.60 6.13
C GLU C 108 -12.59 -12.99 7.23
N GLN C 109 -13.92 -13.09 7.06
CA GLN C 109 -14.85 -12.55 8.05
C GLN C 109 -14.79 -13.40 9.32
N VAL C 110 -14.85 -14.72 9.21
CA VAL C 110 -14.86 -15.60 10.36
C VAL C 110 -13.49 -15.60 11.02
N LEU C 111 -12.41 -15.57 10.22
CA LEU C 111 -11.06 -15.51 10.78
C LEU C 111 -10.93 -14.23 11.63
N MET C 112 -11.42 -13.12 11.08
CA MET C 112 -11.29 -11.83 11.74
C MET C 112 -12.06 -11.85 13.08
N LYS C 113 -13.21 -12.51 13.11
CA LYS C 113 -14.01 -12.62 14.34
C LYS C 113 -13.24 -13.40 15.42
N PHE C 114 -12.59 -14.50 15.03
CA PHE C 114 -11.78 -15.25 15.97
C PHE C 114 -10.56 -14.45 16.42
N LYS C 115 -9.94 -13.69 15.52
CA LYS C 115 -8.76 -12.93 15.90
C LYS C 115 -9.13 -11.89 16.95
N VAL C 116 -10.23 -11.18 16.72
CA VAL C 116 -10.65 -10.09 17.60
C VAL C 116 -11.18 -10.62 18.94
N SER C 117 -11.92 -11.73 18.92
CA SER C 117 -12.49 -12.27 20.14
C SER C 117 -11.39 -12.86 21.04
N VAL C 118 -10.41 -13.53 20.42
CA VAL C 118 -9.26 -14.04 21.15
C VAL C 118 -8.47 -12.87 21.77
N MET C 119 -8.14 -11.86 20.96
CA MET C 119 -7.28 -10.78 21.43
C MET C 119 -7.99 -9.98 22.51
N PHE C 120 -9.25 -9.62 22.29
CA PHE C 120 -9.90 -8.64 23.14
C PHE C 120 -10.60 -9.26 24.33
N ALA C 121 -11.37 -10.34 24.12
CA ALA C 121 -12.17 -10.92 25.20
C ALA C 121 -11.43 -12.08 25.88
N TYR C 122 -11.07 -13.12 25.10
CA TYR C 122 -10.67 -14.38 25.71
C TYR C 122 -9.33 -14.23 26.45
N GLN C 123 -8.38 -13.50 25.84
CA GLN C 123 -7.07 -13.32 26.45
C GLN C 123 -7.20 -12.45 27.70
N THR C 124 -7.98 -11.37 27.64
CA THR C 124 -8.16 -10.51 28.80
C THR C 124 -8.74 -11.29 29.97
N TYR C 125 -9.77 -12.11 29.69
CA TYR C 125 -10.45 -12.89 30.72
C TYR C 125 -9.55 -13.96 31.33
N ASN C 126 -8.67 -14.56 30.52
CA ASN C 126 -8.01 -15.81 30.88
C ASN C 126 -6.51 -15.69 31.18
N ASP C 127 -5.76 -14.81 30.46
CA ASP C 127 -4.30 -14.86 30.53
C ASP C 127 -3.81 -14.44 31.92
N CYS C 128 -4.60 -13.60 32.60
CA CYS C 128 -4.32 -13.14 33.95
C CYS C 128 -4.30 -14.29 34.98
N MET C 129 -4.79 -15.49 34.63
CA MET C 129 -4.91 -16.53 35.64
C MET C 129 -4.52 -17.91 35.13
N VAL C 130 -4.27 -18.06 33.82
CA VAL C 130 -4.12 -19.39 33.25
C VAL C 130 -2.95 -20.15 33.86
N HIS C 131 -1.81 -19.48 34.10
CA HIS C 131 -0.62 -20.20 34.57
C HIS C 131 -0.81 -20.63 36.02
N GLU C 132 -1.44 -19.78 36.83
CA GLU C 132 -1.77 -20.10 38.21
C GLU C 132 -2.81 -21.22 38.28
N LEU C 133 -3.72 -21.28 37.29
CA LEU C 133 -4.70 -22.35 37.25
C LEU C 133 -4.03 -23.68 36.88
N VAL C 134 -3.10 -23.64 35.92
CA VAL C 134 -2.36 -24.83 35.56
C VAL C 134 -1.58 -25.35 36.78
N ASP C 135 -0.97 -24.44 37.54
CA ASP C 135 -0.22 -24.74 38.74
C ASP C 135 -1.13 -25.44 39.76
N TYR C 136 -2.31 -24.84 40.02
CA TYR C 136 -3.22 -25.42 40.99
C TYR C 136 -3.65 -26.82 40.53
N ALA C 137 -3.93 -26.97 39.23
CA ALA C 137 -4.34 -28.27 38.71
C ALA C 137 -3.23 -29.31 38.88
N ARG C 138 -1.98 -28.87 38.74
CA ARG C 138 -0.83 -29.75 38.92
C ARG C 138 -0.75 -30.22 40.37
N HIS C 139 -0.92 -29.29 41.32
CA HIS C 139 -0.96 -29.62 42.74
C HIS C 139 -2.14 -30.55 43.08
N TRP C 140 -3.36 -30.20 42.66
CA TRP C 140 -4.57 -30.82 43.19
C TRP C 140 -4.94 -32.07 42.38
N GLN C 141 -4.54 -32.11 41.11
CA GLN C 141 -4.76 -33.27 40.24
C GLN C 141 -6.25 -33.58 40.10
N PRO C 142 -7.09 -32.63 39.62
CA PRO C 142 -8.51 -32.93 39.43
C PRO C 142 -8.69 -34.05 38.42
N ASP C 143 -9.70 -34.88 38.63
CA ASP C 143 -10.10 -35.88 37.65
C ASP C 143 -10.90 -35.24 36.52
N LEU C 144 -11.56 -34.11 36.83
CA LEU C 144 -12.50 -33.47 35.94
C LEU C 144 -12.42 -31.96 36.14
N VAL C 145 -12.45 -31.23 35.02
CA VAL C 145 -12.59 -29.78 35.04
C VAL C 145 -13.88 -29.42 34.32
N ILE C 146 -14.76 -28.66 35.00
CA ILE C 146 -15.94 -28.13 34.35
C ILE C 146 -15.74 -26.63 34.17
N TRP C 147 -15.85 -26.17 32.91
CA TRP C 147 -15.46 -24.80 32.59
C TRP C 147 -16.61 -24.02 31.95
N ASP C 148 -16.74 -22.78 32.41
CA ASP C 148 -17.56 -21.80 31.74
C ASP C 148 -17.10 -21.67 30.30
N PRO C 149 -18.02 -21.49 29.32
CA PRO C 149 -17.67 -21.64 27.89
C PRO C 149 -16.65 -20.69 27.27
N VAL C 150 -16.36 -19.56 27.95
CA VAL C 150 -15.31 -18.66 27.49
C VAL C 150 -14.10 -18.68 28.42
N THR C 151 -14.04 -19.67 29.32
CA THR C 151 -12.95 -19.80 30.28
C THR C 151 -11.97 -20.85 29.77
N TYR C 152 -11.23 -20.49 28.72
CA TYR C 152 -10.35 -21.41 28.02
C TYR C 152 -9.13 -21.77 28.89
N ALA C 153 -8.84 -21.01 29.95
CA ALA C 153 -7.83 -21.42 30.92
C ALA C 153 -8.15 -22.81 31.49
N GLY C 154 -9.45 -23.11 31.61
CA GLY C 154 -9.93 -24.35 32.19
C GLY C 154 -9.46 -25.59 31.43
N PRO C 155 -9.80 -25.74 30.14
CA PRO C 155 -9.38 -26.93 29.38
C PRO C 155 -7.86 -27.04 29.22
N VAL C 156 -7.15 -25.90 29.24
CA VAL C 156 -5.70 -25.91 29.20
C VAL C 156 -5.18 -26.62 30.46
N ALA C 157 -5.61 -26.15 31.62
CA ALA C 157 -5.25 -26.75 32.90
C ALA C 157 -5.62 -28.24 32.93
N ALA C 158 -6.81 -28.58 32.44
CA ALA C 158 -7.25 -29.97 32.41
C ALA C 158 -6.29 -30.82 31.58
N ARG C 159 -6.00 -30.34 30.37
CA ARG C 159 -5.23 -31.12 29.42
C ARG C 159 -3.82 -31.35 29.96
N VAL C 160 -3.23 -30.32 30.58
CA VAL C 160 -1.91 -30.44 31.18
C VAL C 160 -1.87 -31.60 32.17
N VAL C 161 -2.93 -31.87 32.93
CA VAL C 161 -2.90 -32.93 33.94
C VAL C 161 -3.70 -34.15 33.48
N GLY C 162 -4.16 -34.19 32.24
CA GLY C 162 -4.89 -35.32 31.70
C GLY C 162 -6.32 -35.47 32.23
N ALA C 163 -6.86 -34.44 32.88
CA ALA C 163 -8.21 -34.50 33.41
C ALA C 163 -9.24 -34.54 32.28
N ALA C 164 -10.38 -35.20 32.51
CA ALA C 164 -11.51 -35.00 31.62
C ALA C 164 -12.00 -33.56 31.80
N HIS C 165 -12.70 -33.02 30.81
CA HIS C 165 -13.19 -31.66 30.92
C HIS C 165 -14.36 -31.41 29.98
N ALA C 166 -15.30 -30.56 30.45
CA ALA C 166 -16.53 -30.30 29.72
C ALA C 166 -16.95 -28.85 29.95
N ARG C 167 -17.53 -28.25 28.91
CA ARG C 167 -18.15 -26.94 29.01
C ARG C 167 -19.48 -27.10 29.73
N LEU C 168 -19.83 -26.09 30.54
CA LEU C 168 -21.18 -25.94 31.03
C LEU C 168 -21.76 -24.63 30.49
N LEU C 169 -22.84 -24.77 29.69
CA LEU C 169 -23.38 -23.68 28.89
C LEU C 169 -24.51 -22.94 29.59
N TRP C 170 -24.36 -21.62 29.65
CA TRP C 170 -25.43 -20.67 29.93
C TRP C 170 -25.96 -20.07 28.63
N CYS C 171 -25.33 -20.43 27.51
CA CYS C 171 -25.42 -19.67 26.26
C CYS C 171 -26.10 -20.51 25.17
N ILE C 172 -26.90 -19.81 24.34
CA ILE C 172 -27.15 -20.32 23.00
C ILE C 172 -25.77 -20.39 22.33
N ASP C 173 -25.45 -21.55 21.75
CA ASP C 173 -24.06 -21.96 21.56
C ASP C 173 -23.47 -21.38 20.27
N ILE C 174 -23.46 -20.05 20.22
CA ILE C 174 -22.88 -19.31 19.10
C ILE C 174 -21.38 -19.57 19.03
N TYR C 175 -20.76 -19.92 20.17
CA TYR C 175 -19.32 -20.13 20.24
C TYR C 175 -18.93 -21.36 19.42
N ALA C 176 -19.57 -22.51 19.70
CA ALA C 176 -19.25 -23.75 19.02
C ALA C 176 -19.76 -23.71 17.59
N LYS C 177 -20.85 -22.96 17.35
CA LYS C 177 -21.39 -22.87 16.01
C LYS C 177 -20.50 -22.00 15.13
N MET C 178 -20.01 -20.86 15.64
CA MET C 178 -19.07 -20.03 14.91
C MET C 178 -17.79 -20.83 14.65
N ARG C 179 -17.38 -21.69 15.60
CA ARG C 179 -16.21 -22.52 15.41
C ARG C 179 -16.42 -23.50 14.26
N GLU C 180 -17.61 -24.07 14.15
CA GLU C 180 -17.95 -24.99 13.06
C GLU C 180 -17.81 -24.25 11.71
N VAL C 181 -18.35 -23.03 11.62
CA VAL C 181 -18.24 -22.18 10.44
C VAL C 181 -16.75 -21.96 10.13
N PHE C 182 -16.00 -21.58 11.17
CA PHE C 182 -14.56 -21.34 11.04
C PHE C 182 -13.85 -22.55 10.46
N LEU C 183 -14.13 -23.76 10.96
CA LEU C 183 -13.41 -24.96 10.53
C LEU C 183 -13.80 -25.34 9.10
N ALA C 184 -15.05 -25.09 8.70
CA ALA C 184 -15.49 -25.34 7.33
C ALA C 184 -14.71 -24.45 6.36
N ARG C 185 -14.54 -23.17 6.71
CA ARG C 185 -13.83 -22.22 5.87
C ARG C 185 -12.33 -22.51 5.87
N LEU C 186 -11.78 -22.91 7.02
CA LEU C 186 -10.38 -23.26 7.13
C LEU C 186 -10.03 -24.38 6.15
N ALA C 187 -10.91 -25.39 6.06
CA ALA C 187 -10.70 -26.56 5.22
C ALA C 187 -10.70 -26.20 3.73
N GLU C 188 -11.31 -25.07 3.35
CA GLU C 188 -11.36 -24.59 1.98
C GLU C 188 -10.08 -23.84 1.58
N GLN C 189 -9.17 -23.56 2.52
CA GLN C 189 -8.03 -22.73 2.21
C GLN C 189 -6.84 -23.59 1.80
N PRO C 190 -5.96 -23.07 0.91
CA PRO C 190 -4.67 -23.69 0.64
C PRO C 190 -3.85 -23.74 1.94
N GLU C 191 -2.92 -24.70 2.01
CA GLU C 191 -2.24 -25.01 3.27
C GLU C 191 -1.47 -23.77 3.75
N GLU C 192 -0.99 -22.93 2.83
CA GLU C 192 -0.15 -21.81 3.19
C GLU C 192 -0.98 -20.64 3.74
N ARG C 193 -2.30 -20.64 3.55
CA ARG C 193 -3.24 -19.61 4.01
C ARG C 193 -3.97 -20.05 5.28
N ARG C 194 -3.69 -21.28 5.77
CA ARG C 194 -4.34 -21.79 6.96
C ARG C 194 -3.75 -21.10 8.20
N GLU C 195 -4.65 -20.60 9.04
CA GLU C 195 -4.30 -19.82 10.23
C GLU C 195 -5.39 -20.04 11.29
N ASP C 196 -4.99 -20.23 12.56
CA ASP C 196 -5.98 -20.46 13.61
C ASP C 196 -5.54 -19.71 14.86
N PRO C 197 -6.15 -18.53 15.13
CA PRO C 197 -5.80 -17.72 16.31
C PRO C 197 -5.98 -18.44 17.64
N MET C 198 -6.94 -19.39 17.68
CA MET C 198 -7.26 -20.13 18.88
C MET C 198 -6.18 -21.17 19.14
N ALA C 199 -5.78 -21.89 18.06
CA ALA C 199 -4.67 -22.83 18.12
C ALA C 199 -3.36 -22.13 18.46
N ASP C 200 -3.09 -20.96 17.87
CA ASP C 200 -1.85 -20.25 18.17
C ASP C 200 -1.81 -19.89 19.65
N TRP C 201 -2.91 -19.32 20.15
CA TRP C 201 -2.96 -18.85 21.54
C TRP C 201 -2.90 -20.02 22.51
N LEU C 202 -3.84 -20.96 22.39
CA LEU C 202 -3.97 -22.01 23.39
C LEU C 202 -2.91 -23.09 23.16
N GLY C 203 -2.61 -23.39 21.89
CA GLY C 203 -1.53 -24.32 21.55
C GLY C 203 -0.17 -23.79 22.01
N GLY C 204 0.04 -22.48 21.91
CA GLY C 204 1.24 -21.84 22.43
C GLY C 204 1.41 -22.11 23.92
N ILE C 205 0.35 -21.89 24.69
CA ILE C 205 0.40 -22.09 26.13
C ILE C 205 0.61 -23.58 26.43
N LEU C 206 -0.14 -24.44 25.76
CA LEU C 206 -0.03 -25.87 25.96
C LEU C 206 1.39 -26.36 25.64
N GLY C 207 1.98 -25.81 24.56
CA GLY C 207 3.34 -26.12 24.13
C GLY C 207 4.37 -25.90 25.24
N ARG C 208 4.27 -24.76 25.93
CA ARG C 208 5.16 -24.45 27.05
C ARG C 208 5.07 -25.50 28.17
N TYR C 209 3.99 -26.29 28.27
CA TYR C 209 3.89 -27.34 29.28
C TYR C 209 4.09 -28.71 28.63
N GLY C 210 4.52 -28.72 27.38
CA GLY C 210 4.85 -29.96 26.69
C GLY C 210 3.63 -30.69 26.16
N HIS C 211 2.53 -29.97 25.88
CA HIS C 211 1.34 -30.61 25.34
C HIS C 211 0.97 -30.00 24.00
N THR C 212 0.26 -30.78 23.21
CA THR C 212 -0.24 -30.35 21.91
C THR C 212 -1.60 -29.68 22.06
N PHE C 213 -1.99 -28.93 21.03
CA PHE C 213 -3.36 -28.45 20.89
C PHE C 213 -4.21 -29.61 20.35
N ASP C 214 -5.48 -29.64 20.79
CA ASP C 214 -6.52 -30.43 20.14
C ASP C 214 -7.81 -29.60 20.14
N GLU C 215 -8.68 -29.87 19.18
CA GLU C 215 -9.91 -29.12 19.00
C GLU C 215 -10.80 -29.23 20.26
N GLU C 216 -10.58 -30.26 21.07
CA GLU C 216 -11.44 -30.47 22.22
C GLU C 216 -11.17 -29.40 23.29
N VAL C 217 -10.06 -28.64 23.21
CA VAL C 217 -9.84 -27.56 24.17
C VAL C 217 -10.69 -26.33 23.80
N VAL C 218 -11.31 -26.35 22.61
CA VAL C 218 -12.14 -25.24 22.17
C VAL C 218 -13.61 -25.49 22.51
N VAL C 219 -14.06 -26.76 22.47
CA VAL C 219 -15.47 -27.07 22.69
C VAL C 219 -15.70 -28.09 23.82
N GLY C 220 -14.62 -28.52 24.49
CA GLY C 220 -14.69 -29.51 25.56
C GLY C 220 -14.76 -30.92 25.00
N GLN C 221 -14.50 -31.91 25.86
CA GLN C 221 -14.68 -33.31 25.49
C GLN C 221 -16.17 -33.61 25.40
N TRP C 222 -16.97 -32.93 26.23
CA TRP C 222 -18.40 -32.88 26.04
C TRP C 222 -18.93 -31.54 26.53
N THR C 223 -20.21 -31.32 26.22
CA THR C 223 -20.90 -30.07 26.48
C THR C 223 -22.12 -30.36 27.34
N ILE C 224 -22.14 -29.78 28.56
CA ILE C 224 -23.32 -29.85 29.41
C ILE C 224 -24.12 -28.58 29.18
N ASP C 225 -25.37 -28.72 28.74
CA ASP C 225 -26.11 -27.62 28.16
C ASP C 225 -27.40 -27.34 28.94
N GLN C 226 -27.51 -26.13 29.46
CA GLN C 226 -28.64 -25.68 30.25
C GLN C 226 -29.71 -25.00 29.39
N ILE C 227 -29.45 -24.88 28.07
CA ILE C 227 -30.44 -24.32 27.16
C ILE C 227 -31.37 -25.44 26.69
N PRO C 228 -32.70 -25.24 26.77
CA PRO C 228 -33.65 -26.21 26.22
C PRO C 228 -33.34 -26.52 24.76
N THR C 229 -33.37 -27.81 24.41
CA THR C 229 -32.93 -28.28 23.11
C THR C 229 -33.62 -27.52 21.97
N SER C 230 -34.91 -27.22 22.09
CA SER C 230 -35.68 -26.60 21.04
C SER C 230 -35.16 -25.19 20.72
N LEU C 231 -34.45 -24.55 21.66
CA LEU C 231 -33.97 -23.19 21.45
C LEU C 231 -32.47 -23.15 21.17
N GLN C 232 -31.82 -24.31 21.12
CA GLN C 232 -30.37 -24.39 20.99
C GLN C 232 -30.02 -24.72 19.54
N LEU C 233 -28.81 -24.34 19.11
CA LEU C 233 -28.31 -24.64 17.78
C LEU C 233 -27.88 -26.10 17.73
N PRO C 234 -28.33 -26.87 16.70
CA PRO C 234 -27.87 -28.25 16.52
C PRO C 234 -26.39 -28.31 16.10
N LEU C 235 -25.63 -29.22 16.70
CA LEU C 235 -24.18 -29.25 16.59
C LEU C 235 -23.72 -30.70 16.56
N SER C 236 -22.47 -30.92 16.12
CA SER C 236 -21.77 -32.19 16.30
C SER C 236 -20.93 -32.09 17.56
N LEU C 237 -21.59 -32.35 18.69
CA LEU C 237 -20.92 -32.33 19.98
C LEU C 237 -21.39 -33.53 20.77
N ARG C 238 -20.62 -34.05 21.73
CA ARG C 238 -21.20 -34.90 22.77
C ARG C 238 -21.96 -33.99 23.75
N ARG C 239 -23.29 -34.04 23.74
CA ARG C 239 -24.11 -32.98 24.30
C ARG C 239 -24.96 -33.62 25.39
N VAL C 240 -24.83 -33.08 26.62
CA VAL C 240 -25.59 -33.58 27.76
C VAL C 240 -26.52 -32.46 28.19
N PRO C 241 -27.82 -32.51 27.83
CA PRO C 241 -28.78 -31.52 28.32
C PRO C 241 -28.97 -31.69 29.83
N VAL C 242 -29.10 -30.56 30.52
CA VAL C 242 -29.36 -30.53 31.94
C VAL C 242 -30.36 -29.41 32.21
N ARG C 243 -31.25 -29.64 33.18
CA ARG C 243 -32.27 -28.66 33.49
C ARG C 243 -31.65 -27.43 34.16
N TYR C 244 -32.01 -26.24 33.67
CA TYR C 244 -31.64 -25.00 34.34
C TYR C 244 -32.40 -24.89 35.67
N LEU C 245 -31.64 -24.69 36.76
CA LEU C 245 -32.20 -24.46 38.07
C LEU C 245 -31.75 -23.07 38.51
N PRO C 246 -32.68 -22.12 38.81
CA PRO C 246 -32.25 -20.76 39.12
C PRO C 246 -31.32 -20.68 40.32
N HIS C 247 -30.20 -19.97 40.13
CA HIS C 247 -29.47 -19.41 41.26
C HIS C 247 -29.07 -17.98 40.88
N ASN C 248 -29.53 -17.03 41.70
CA ASN C 248 -29.53 -15.61 41.38
C ASN C 248 -28.65 -14.86 42.37
N GLY C 249 -27.82 -15.59 43.12
CA GLY C 249 -26.93 -14.98 44.08
C GLY C 249 -27.51 -15.02 45.47
N PRO C 250 -26.77 -14.50 46.48
CA PRO C 250 -27.21 -14.54 47.88
C PRO C 250 -28.58 -13.88 48.03
N SER C 251 -29.52 -14.55 48.70
CA SER C 251 -30.90 -14.10 48.68
C SER C 251 -31.59 -14.44 49.99
N GLU C 252 -32.53 -13.54 50.37
CA GLU C 252 -33.53 -13.80 51.40
C GLU C 252 -34.90 -13.34 50.91
N ILE C 253 -35.94 -13.99 51.44
CA ILE C 253 -37.32 -13.62 51.16
C ILE C 253 -37.73 -12.48 52.11
N PRO C 254 -38.13 -11.31 51.56
CA PRO C 254 -38.54 -10.18 52.39
C PRO C 254 -40.00 -10.31 52.80
N ASP C 255 -40.39 -9.54 53.84
CA ASP C 255 -41.70 -9.62 54.47
C ASP C 255 -42.81 -9.26 53.49
N TRP C 256 -42.57 -8.26 52.62
CA TRP C 256 -43.51 -7.89 51.57
C TRP C 256 -43.60 -9.01 50.50
N MET C 283 -32.66 4.78 25.49
CA MET C 283 -33.74 5.32 26.37
C MET C 283 -33.27 5.25 27.83
N PRO C 284 -33.13 6.40 28.55
CA PRO C 284 -32.71 6.39 29.95
C PRO C 284 -33.66 5.63 30.89
N VAL C 285 -33.09 5.12 31.98
CA VAL C 285 -33.87 4.38 32.97
C VAL C 285 -34.94 5.30 33.57
N ALA C 286 -34.60 6.58 33.76
CA ALA C 286 -35.51 7.55 34.35
C ALA C 286 -36.80 7.67 33.52
N ASP C 287 -36.66 7.65 32.18
CA ASP C 287 -37.81 7.73 31.28
C ASP C 287 -38.59 6.42 31.30
N MET C 288 -37.88 5.30 31.51
CA MET C 288 -38.50 4.00 31.57
C MET C 288 -39.42 3.93 32.79
N ILE C 289 -38.91 4.43 33.93
CA ILE C 289 -39.67 4.42 35.18
C ILE C 289 -40.92 5.28 35.05
N ASN C 290 -40.78 6.47 34.43
CA ASN C 290 -41.87 7.42 34.28
C ASN C 290 -42.95 6.84 33.38
N THR C 291 -42.55 6.18 32.28
CA THR C 291 -43.51 5.52 31.41
C THR C 291 -44.30 4.44 32.17
N LEU C 292 -43.56 3.58 32.87
CA LEU C 292 -44.20 2.48 33.57
C LEU C 292 -45.04 3.01 34.74
N GLY C 293 -44.60 4.15 35.31
CA GLY C 293 -45.33 4.82 36.38
C GLY C 293 -46.71 5.33 35.98
N SER C 294 -46.97 5.47 34.67
CA SER C 294 -48.25 5.95 34.20
C SER C 294 -49.20 4.79 33.85
N MET C 295 -48.78 3.54 34.07
CA MET C 295 -49.53 2.40 33.56
C MET C 295 -50.30 1.74 34.71
N ASP C 296 -51.34 0.98 34.35
CA ASP C 296 -52.22 0.35 35.33
C ASP C 296 -51.65 -0.99 35.76
N ILE C 297 -50.47 -0.93 36.43
CA ILE C 297 -49.66 -2.10 36.76
C ILE C 297 -48.99 -1.84 38.12
N ASP C 298 -48.55 -2.95 38.75
CA ASP C 298 -47.61 -2.90 39.84
C ASP C 298 -46.22 -3.20 39.30
N VAL C 299 -45.22 -2.36 39.67
CA VAL C 299 -43.88 -2.49 39.12
C VAL C 299 -42.91 -2.71 40.28
N VAL C 300 -42.01 -3.68 40.11
CA VAL C 300 -40.83 -3.83 40.98
C VAL C 300 -39.59 -3.71 40.10
N ALA C 301 -38.73 -2.71 40.40
CA ALA C 301 -37.59 -2.41 39.57
C ALA C 301 -36.31 -2.61 40.41
N ALA C 302 -35.49 -3.55 39.94
CA ALA C 302 -34.17 -3.83 40.51
C ALA C 302 -33.11 -2.95 39.83
N LEU C 303 -32.55 -2.00 40.61
CA LEU C 303 -31.60 -1.00 40.15
C LEU C 303 -30.36 -0.96 41.05
N PRO C 304 -29.16 -0.64 40.50
CA PRO C 304 -27.96 -0.40 41.31
C PRO C 304 -28.05 0.92 42.07
N PRO C 305 -27.17 1.17 43.07
CA PRO C 305 -27.33 2.32 43.98
C PRO C 305 -27.35 3.71 43.34
N GLU C 306 -26.84 3.83 42.10
CA GLU C 306 -26.82 5.07 41.35
C GLU C 306 -27.28 4.82 39.91
N PRO C 315 -42.70 6.83 41.23
CA PRO C 315 -44.15 6.70 40.96
C PRO C 315 -44.85 5.82 41.98
N ALA C 316 -46.16 6.03 42.14
CA ALA C 316 -46.94 5.40 43.19
C ALA C 316 -46.98 3.87 42.98
N ASN C 317 -46.95 3.42 41.72
CA ASN C 317 -47.14 2.01 41.40
C ASN C 317 -45.83 1.24 41.41
N THR C 318 -44.72 1.88 41.82
CA THR C 318 -43.39 1.36 41.65
C THR C 318 -42.70 1.16 43.00
N ARG C 319 -42.12 -0.04 43.18
CA ARG C 319 -41.18 -0.32 44.26
C ARG C 319 -39.79 -0.48 43.65
N ILE C 320 -38.79 0.10 44.32
CA ILE C 320 -37.38 0.00 43.93
C ILE C 320 -36.64 -0.87 44.96
N VAL C 321 -35.85 -1.81 44.44
CA VAL C 321 -35.07 -2.75 45.25
C VAL C 321 -33.62 -2.79 44.71
N ASP C 322 -32.71 -3.17 45.63
CA ASP C 322 -31.29 -3.31 45.35
C ASP C 322 -31.06 -4.50 44.42
N PHE C 323 -31.44 -5.68 44.94
CA PHE C 323 -31.84 -6.83 44.16
C PHE C 323 -32.93 -7.50 45.00
N VAL C 324 -33.71 -8.34 44.33
CA VAL C 324 -34.66 -9.23 44.96
C VAL C 324 -34.59 -10.58 44.24
N PRO C 325 -34.61 -11.71 44.98
CA PRO C 325 -34.46 -13.04 44.38
C PRO C 325 -35.56 -13.37 43.37
N LEU C 326 -35.11 -13.30 42.13
CA LEU C 326 -35.95 -13.55 40.97
C LEU C 326 -36.70 -14.86 41.07
N HIS C 327 -36.12 -15.94 41.62
CA HIS C 327 -36.81 -17.23 41.70
C HIS C 327 -38.03 -17.13 42.62
N ALA C 328 -37.93 -16.31 43.67
CA ALA C 328 -39.02 -16.10 44.60
C ALA C 328 -40.04 -15.11 44.02
N LEU C 329 -39.55 -14.13 43.25
CA LEU C 329 -40.42 -13.04 42.80
C LEU C 329 -41.25 -13.42 41.58
N LEU C 330 -40.73 -14.25 40.68
CA LEU C 330 -41.33 -14.33 39.34
C LEU C 330 -42.52 -15.29 39.31
N PRO C 331 -42.77 -16.25 40.24
CA PRO C 331 -44.01 -17.03 40.16
C PRO C 331 -45.23 -16.10 40.13
N GLY C 332 -46.11 -16.29 39.15
CA GLY C 332 -47.30 -15.47 39.01
C GLY C 332 -47.07 -14.09 38.36
N ALA C 333 -45.83 -13.61 38.27
CA ALA C 333 -45.54 -12.32 37.67
C ALA C 333 -45.84 -12.40 36.17
N SER C 334 -45.98 -11.23 35.56
CA SER C 334 -46.48 -11.11 34.19
C SER C 334 -45.34 -10.94 33.18
N LEU C 336 -41.16 -10.03 32.58
CA LEU C 336 -39.80 -9.63 33.02
C LEU C 336 -39.14 -8.86 31.89
N ILE C 337 -38.65 -7.66 32.21
CA ILE C 337 -37.93 -6.80 31.29
C ILE C 337 -36.45 -6.83 31.69
N HIS C 338 -35.57 -7.21 30.75
CA HIS C 338 -34.15 -7.32 31.06
C HIS C 338 -33.34 -7.36 29.76
N HIS C 339 -31.99 -7.38 29.90
CA HIS C 339 -31.05 -7.21 28.80
C HIS C 339 -30.65 -8.54 28.14
N GLY C 340 -31.10 -9.69 28.69
CA GLY C 340 -30.90 -10.98 28.05
C GLY C 340 -29.86 -11.87 28.74
N GLY C 341 -29.37 -11.44 29.92
CA GLY C 341 -28.56 -12.29 30.79
C GLY C 341 -29.26 -13.59 31.16
N PHE C 342 -28.47 -14.66 31.39
CA PHE C 342 -29.04 -15.99 31.50
C PHE C 342 -29.77 -16.17 32.82
N GLY C 343 -29.32 -15.54 33.91
CA GLY C 343 -29.99 -15.65 35.19
C GLY C 343 -31.46 -15.24 35.10
N SER C 344 -31.69 -14.05 34.52
CA SER C 344 -33.03 -13.52 34.29
C SER C 344 -33.79 -14.37 33.28
N TRP C 345 -33.15 -14.64 32.14
CA TRP C 345 -33.78 -15.39 31.05
C TRP C 345 -34.24 -16.75 31.55
N GLY C 346 -33.32 -17.47 32.20
CA GLY C 346 -33.59 -18.81 32.66
C GLY C 346 -34.62 -18.85 33.79
N THR C 347 -34.56 -17.88 34.70
CA THR C 347 -35.45 -17.87 35.86
C THR C 347 -36.88 -17.53 35.40
N ALA C 348 -37.02 -16.58 34.47
CA ALA C 348 -38.30 -16.29 33.87
C ALA C 348 -38.79 -17.52 33.11
N LEU C 349 -37.89 -18.22 32.42
CA LEU C 349 -38.30 -19.36 31.61
C LEU C 349 -38.89 -20.46 32.50
N VAL C 350 -38.26 -20.75 33.65
CA VAL C 350 -38.73 -21.86 34.47
C VAL C 350 -40.03 -21.46 35.18
N ASN C 351 -40.31 -20.15 35.26
CA ASN C 351 -41.54 -19.69 35.89
C ASN C 351 -42.63 -19.41 34.84
N GLY C 352 -42.35 -19.64 33.55
CA GLY C 352 -43.32 -19.40 32.49
C GLY C 352 -43.68 -17.93 32.30
N VAL C 353 -42.78 -17.00 32.67
CA VAL C 353 -43.04 -15.57 32.56
C VAL C 353 -42.57 -15.06 31.21
N PRO C 354 -43.48 -14.42 30.42
CA PRO C 354 -43.08 -13.73 29.19
C PRO C 354 -42.01 -12.67 29.44
N GLN C 355 -41.08 -12.58 28.48
CA GLN C 355 -39.92 -11.72 28.62
C GLN C 355 -39.94 -10.64 27.54
N PHE C 356 -39.57 -9.43 27.94
CA PHE C 356 -39.31 -8.34 27.02
C PHE C 356 -37.83 -7.96 27.14
N ILE C 357 -37.11 -8.10 26.03
CA ILE C 357 -35.65 -8.02 26.04
C ILE C 357 -35.22 -6.94 25.05
N PRO C 358 -35.06 -5.68 25.53
CA PRO C 358 -34.41 -4.63 24.77
C PRO C 358 -32.89 -4.73 24.94
N THR C 359 -32.18 -5.07 23.87
CA THR C 359 -30.78 -5.47 24.03
C THR C 359 -30.00 -5.20 22.74
N ILE C 360 -28.74 -5.63 22.76
CA ILE C 360 -27.76 -5.40 21.70
C ILE C 360 -27.18 -6.74 21.26
N ARG C 361 -26.41 -6.73 20.16
CA ARG C 361 -25.77 -7.93 19.65
C ARG C 361 -24.44 -8.13 20.38
N TYR C 362 -24.56 -8.45 21.68
CA TYR C 362 -23.42 -8.76 22.52
C TYR C 362 -23.62 -10.15 23.13
N ALA C 363 -22.54 -10.92 23.24
CA ALA C 363 -22.62 -12.33 23.62
C ALA C 363 -23.79 -12.98 22.89
N ASP C 364 -24.66 -13.71 23.61
CA ASP C 364 -25.81 -14.36 22.99
C ASP C 364 -27.10 -13.60 23.31
N TRP C 365 -26.98 -12.36 23.79
CA TRP C 365 -28.14 -11.64 24.30
C TRP C 365 -29.23 -11.50 23.22
N TRP C 366 -28.80 -11.20 21.99
CA TRP C 366 -29.74 -11.00 20.89
C TRP C 366 -30.44 -12.33 20.58
N ASN C 367 -29.69 -13.43 20.61
CA ASN C 367 -30.23 -14.77 20.40
C ASN C 367 -31.20 -15.16 21.50
N LYS C 368 -30.92 -14.71 22.73
CA LYS C 368 -31.79 -14.96 23.86
C LYS C 368 -33.15 -14.31 23.58
N GLY C 369 -33.12 -13.06 23.08
CA GLY C 369 -34.33 -12.36 22.68
C GLY C 369 -35.03 -12.99 21.47
N THR C 370 -34.29 -13.24 20.40
CA THR C 370 -34.88 -13.72 19.15
C THR C 370 -35.42 -15.14 19.32
N SER C 371 -34.75 -16.00 20.11
CA SER C 371 -35.24 -17.35 20.34
C SER C 371 -36.66 -17.31 20.90
N LEU C 372 -36.90 -16.44 21.89
CA LEU C 372 -38.21 -16.33 22.51
C LEU C 372 -39.20 -15.68 21.55
N HIS C 373 -38.75 -14.64 20.83
CA HIS C 373 -39.58 -13.94 19.86
C HIS C 373 -40.12 -14.92 18.81
N GLU C 374 -39.25 -15.73 18.20
CA GLU C 374 -39.65 -16.70 17.19
C GLU C 374 -40.62 -17.73 17.77
N ALA C 375 -40.46 -18.08 19.05
CA ALA C 375 -41.31 -19.08 19.67
C ALA C 375 -42.65 -18.48 20.08
N GLY C 376 -42.78 -17.14 20.02
CA GLY C 376 -43.98 -16.45 20.42
C GLY C 376 -44.13 -16.32 21.94
N ALA C 377 -43.03 -16.50 22.69
CA ALA C 377 -43.04 -16.52 24.15
C ALA C 377 -42.64 -15.17 24.74
N GLY C 378 -42.06 -14.29 23.92
CA GLY C 378 -41.64 -12.97 24.40
C GLY C 378 -41.35 -12.06 23.21
N LEU C 379 -40.78 -10.87 23.51
CA LEU C 379 -40.47 -9.86 22.52
C LEU C 379 -39.03 -9.39 22.70
N VAL C 380 -38.31 -9.25 21.57
CA VAL C 380 -37.00 -8.62 21.55
C VAL C 380 -37.08 -7.35 20.72
N VAL C 381 -36.33 -6.33 21.12
CA VAL C 381 -36.16 -5.12 20.33
C VAL C 381 -34.72 -4.64 20.55
N HIS C 382 -34.13 -3.96 19.54
CA HIS C 382 -32.83 -3.37 19.73
C HIS C 382 -32.95 -2.21 20.72
N ALA C 383 -31.99 -2.14 21.65
CA ALA C 383 -32.02 -1.15 22.72
C ALA C 383 -32.14 0.27 22.17
N SER C 384 -31.52 0.51 21.01
CA SER C 384 -31.47 1.83 20.40
C SER C 384 -32.86 2.26 19.91
N ALA C 388 -40.87 5.32 24.74
CA ALA C 388 -42.07 5.12 25.59
C ALA C 388 -43.09 4.29 24.84
N GLU C 389 -43.26 4.52 23.53
CA GLU C 389 -44.30 3.92 22.73
C GLU C 389 -44.12 2.40 22.63
N VAL C 390 -42.88 2.00 22.30
CA VAL C 390 -42.53 0.59 22.11
C VAL C 390 -42.62 -0.14 23.44
N LEU C 391 -42.07 0.46 24.51
CA LEU C 391 -42.13 -0.09 25.86
C LEU C 391 -43.58 -0.38 26.26
N ARG C 392 -44.44 0.64 26.15
CA ARG C 392 -45.83 0.55 26.55
C ARG C 392 -46.53 -0.53 25.73
N GLU C 393 -46.34 -0.50 24.40
CA GLU C 393 -47.08 -1.40 23.53
C GLU C 393 -46.64 -2.84 23.75
N SER C 394 -45.34 -3.06 23.93
CA SER C 394 -44.78 -4.39 24.14
C SER C 394 -45.32 -5.01 25.43
N VAL C 395 -45.26 -4.22 26.53
CA VAL C 395 -45.76 -4.70 27.81
C VAL C 395 -47.25 -5.04 27.70
N GLU C 396 -48.04 -4.14 27.09
CA GLU C 396 -49.48 -4.37 26.92
C GLU C 396 -49.72 -5.69 26.20
N ARG C 397 -48.95 -5.93 25.14
CA ARG C 397 -49.12 -7.12 24.31
C ARG C 397 -48.82 -8.38 25.13
N LEU C 398 -47.75 -8.35 25.96
CA LEU C 398 -47.34 -9.53 26.73
C LEU C 398 -48.33 -9.80 27.86
N VAL C 399 -48.96 -8.74 28.38
CA VAL C 399 -50.00 -8.87 29.39
C VAL C 399 -51.30 -9.39 28.76
N GLU C 400 -51.75 -8.79 27.64
CA GLU C 400 -53.11 -8.99 27.16
C GLU C 400 -53.20 -10.22 26.26
N ASP C 401 -52.22 -10.41 25.36
CA ASP C 401 -52.24 -11.53 24.45
C ASP C 401 -51.78 -12.79 25.18
N ALA C 402 -52.71 -13.74 25.34
CA ALA C 402 -52.51 -14.96 26.11
C ALA C 402 -51.58 -15.94 25.40
N SER C 403 -51.31 -15.71 24.11
CA SER C 403 -50.46 -16.61 23.32
C SER C 403 -49.01 -16.56 23.82
N TYR C 404 -48.61 -15.43 24.42
CA TYR C 404 -47.29 -15.28 25.01
C TYR C 404 -47.13 -16.19 26.23
N ARG C 405 -48.04 -16.09 27.21
CA ARG C 405 -48.04 -16.98 28.36
C ARG C 405 -48.07 -18.44 27.92
N GLU C 406 -48.85 -18.76 26.87
CA GLU C 406 -49.00 -20.15 26.44
C GLU C 406 -47.69 -20.68 25.88
N ALA C 407 -47.01 -19.87 25.06
CA ALA C 407 -45.72 -20.25 24.49
C ALA C 407 -44.65 -20.35 25.59
N ALA C 408 -44.65 -19.40 26.54
CA ALA C 408 -43.75 -19.44 27.68
C ALA C 408 -43.97 -20.72 28.51
N GLU C 409 -45.23 -21.13 28.62
CA GLU C 409 -45.59 -22.28 29.42
C GLU C 409 -45.07 -23.55 28.74
N ARG C 410 -45.09 -23.60 27.41
CA ARG C 410 -44.54 -24.74 26.69
C ARG C 410 -43.04 -24.87 26.94
N LEU C 411 -42.31 -23.74 27.00
CA LEU C 411 -40.88 -23.75 27.24
C LEU C 411 -40.61 -24.19 28.68
N ARG C 412 -41.41 -23.69 29.62
CA ARG C 412 -41.34 -24.12 31.00
C ARG C 412 -41.44 -25.65 31.07
N GLU C 413 -42.40 -26.22 30.34
CA GLU C 413 -42.63 -27.67 30.37
C GLU C 413 -41.45 -28.40 29.74
N GLU C 414 -40.85 -27.81 28.69
CA GLU C 414 -39.70 -28.41 28.05
C GLU C 414 -38.53 -28.49 29.04
N ASN C 415 -38.26 -27.39 29.76
CA ASN C 415 -37.22 -27.36 30.80
C ASN C 415 -37.50 -28.44 31.84
N GLN C 416 -38.77 -28.56 32.25
CA GLN C 416 -39.17 -29.44 33.33
C GLN C 416 -39.03 -30.91 32.91
N ARG C 417 -39.05 -31.21 31.61
CA ARG C 417 -38.81 -32.57 31.14
C ARG C 417 -37.31 -32.88 31.05
N THR C 418 -36.45 -31.87 31.12
CA THR C 418 -35.02 -32.09 31.01
C THR C 418 -34.52 -32.73 32.30
N PRO C 419 -33.64 -33.75 32.22
CA PRO C 419 -32.99 -34.31 33.41
C PRO C 419 -32.30 -33.23 34.25
N THR C 420 -32.42 -33.38 35.57
CA THR C 420 -31.83 -32.47 36.53
C THR C 420 -30.33 -32.73 36.62
N PRO C 421 -29.59 -31.76 37.21
CA PRO C 421 -28.21 -32.00 37.67
C PRO C 421 -28.05 -33.34 38.40
N HIS C 422 -28.95 -33.61 39.34
CA HIS C 422 -28.99 -34.89 40.04
C HIS C 422 -28.94 -36.04 39.04
N ASP C 423 -29.85 -36.03 38.05
CA ASP C 423 -29.98 -37.12 37.09
C ASP C 423 -28.73 -37.27 36.22
N VAL C 424 -28.01 -36.17 35.93
CA VAL C 424 -26.88 -36.27 35.01
C VAL C 424 -25.58 -36.62 35.78
N VAL C 425 -25.59 -36.66 37.11
CA VAL C 425 -24.38 -36.96 37.85
C VAL C 425 -23.71 -38.25 37.35
N PRO C 426 -24.43 -39.40 37.27
CA PRO C 426 -23.82 -40.64 36.78
C PRO C 426 -23.26 -40.58 35.35
N VAL C 427 -23.95 -39.83 34.47
CA VAL C 427 -23.49 -39.59 33.11
C VAL C 427 -22.13 -38.89 33.13
N ILE C 428 -22.00 -37.86 33.99
CA ILE C 428 -20.75 -37.11 34.11
C ILE C 428 -19.65 -38.01 34.67
N GLU C 429 -19.99 -38.89 35.62
CA GLU C 429 -19.04 -39.85 36.18
C GLU C 429 -18.52 -40.79 35.09
N GLU C 430 -19.43 -41.34 34.26
CA GLU C 430 -19.06 -42.27 33.20
C GLU C 430 -18.20 -41.56 32.15
N LEU C 431 -18.59 -40.35 31.75
CA LEU C 431 -17.84 -39.62 30.74
C LEU C 431 -16.44 -39.28 31.25
N THR C 432 -16.31 -39.02 32.56
CA THR C 432 -15.02 -38.72 33.15
C THR C 432 -14.11 -39.95 33.12
N ALA C 433 -14.68 -41.12 33.45
CA ALA C 433 -13.95 -42.37 33.40
C ALA C 433 -13.47 -42.66 31.98
N GLU C 434 -14.36 -42.45 30.99
CA GLU C 434 -14.05 -42.69 29.60
C GLU C 434 -12.93 -41.76 29.09
N HIS C 435 -12.99 -40.46 29.43
CA HIS C 435 -12.15 -39.47 28.75
C HIS C 435 -10.94 -39.05 29.57
N GLY C 436 -10.95 -39.32 30.89
CA GLY C 436 -9.88 -38.81 31.73
C GLY C 436 -8.70 -39.80 31.77
N ARG C 437 -7.72 -39.55 32.62
CA ARG C 437 -6.55 -40.42 32.69
C ARG C 437 -6.94 -41.87 33.08
#